data_1I1M
#
_entry.id   1I1M
#
_cell.length_a   155.990
_cell.length_b   100.710
_cell.length_c   141.530
_cell.angle_alpha   90.00
_cell.angle_beta   90.00
_cell.angle_gamma   90.00
#
_symmetry.space_group_name_H-M   'C 2 2 21'
#
loop_
_entity.id
_entity.type
_entity.pdbx_description
1 polymer 'BRANCHED-CHAIN AMINO ACID AMINOTRANSFERASE'
2 non-polymer "PYRIDOXAL-5'-PHOSPHATE"
3 non-polymer '4-METHYL VALERIC ACID'
4 water water
#
_entity_poly.entity_id   1
_entity_poly.type   'polypeptide(L)'
_entity_poly.pdbx_seq_one_letter_code
;MTTKKADYIWFNGEMVRWEDAKVHVMSHALHYGTSVFEGIRCYDSHKGPVVFRHREHMQRLHDSAKIYRFPVSQSIDELM
EACRDVIRKNNLTSAYIRPLIFVGDVGMGVNPPAGYSTDVIIAAFPWGAYLGAEALEQGIDAMVSSWNRAAPNTIPTAAK
AGGNYLSSLLVGSEARRHGYQEGIALDVNGYISEGAGENLFEVKDGVLFTPPFTSSALPGITRDAIIKLAKELGIEVREQ
VLSRESLYLADEVFMSGTAAEITPVRSVDGIQVGEGRCGPVTKRIQQAFFGLFTGETEDKWGWLDQVNQ
;
_entity_poly.pdbx_strand_id   A,B,C
#
# COMPACT_ATOMS: atom_id res chain seq x y z
N LYS A 5 30.93 4.28 -29.43
CA LYS A 5 30.97 3.90 -30.87
C LYS A 5 31.68 2.56 -31.10
N ALA A 6 31.26 1.83 -32.15
CA ALA A 6 31.81 0.54 -32.50
C ALA A 6 31.78 0.38 -34.03
N ASP A 7 32.11 -0.79 -34.54
CA ASP A 7 32.15 -1.00 -35.99
C ASP A 7 30.87 -1.43 -36.71
N TYR A 8 30.05 -2.25 -36.05
CA TYR A 8 28.83 -2.73 -36.68
C TYR A 8 27.61 -2.61 -35.78
N ILE A 9 26.43 -2.61 -36.42
CA ILE A 9 25.15 -2.52 -35.73
C ILE A 9 24.18 -3.49 -36.42
N TRP A 10 23.53 -4.34 -35.63
CA TRP A 10 22.57 -5.29 -36.19
C TRP A 10 21.34 -4.45 -36.52
N PHE A 11 20.95 -4.47 -37.79
CA PHE A 11 19.81 -3.69 -38.28
C PHE A 11 18.90 -4.59 -39.12
N ASN A 12 17.75 -4.94 -38.56
CA ASN A 12 16.77 -5.80 -39.24
C ASN A 12 17.29 -7.12 -39.77
N GLY A 13 18.14 -7.79 -39.01
CA GLY A 13 18.65 -9.08 -39.44
C GLY A 13 20.05 -9.14 -39.99
N GLU A 14 20.62 -8.00 -40.38
CA GLU A 14 21.97 -8.04 -40.92
C GLU A 14 22.92 -7.02 -40.32
N MET A 15 24.18 -7.41 -40.19
CA MET A 15 25.22 -6.53 -39.64
C MET A 15 25.54 -5.42 -40.62
N VAL A 16 25.36 -4.20 -40.17
CA VAL A 16 25.60 -3.02 -40.98
C VAL A 16 26.72 -2.18 -40.36
N ARG A 17 27.52 -1.52 -41.18
CA ARG A 17 28.60 -0.67 -40.67
C ARG A 17 27.93 0.44 -39.86
N TRP A 18 28.51 0.78 -38.72
CA TRP A 18 27.96 1.81 -37.85
C TRP A 18 27.52 3.09 -38.59
N GLU A 19 28.40 3.63 -39.41
CA GLU A 19 28.11 4.86 -40.13
C GLU A 19 26.98 4.76 -41.15
N ASP A 20 26.65 3.56 -41.58
CA ASP A 20 25.57 3.37 -42.56
C ASP A 20 24.23 3.05 -41.92
N ALA A 21 24.20 2.96 -40.58
CA ALA A 21 22.96 2.65 -39.86
C ALA A 21 22.09 3.90 -39.78
N LYS A 22 21.49 4.25 -40.91
CA LYS A 22 20.64 5.42 -41.00
C LYS A 22 19.18 5.07 -41.20
N VAL A 23 18.32 6.04 -40.91
CA VAL A 23 16.88 5.85 -41.05
C VAL A 23 16.27 7.18 -41.49
N HIS A 24 15.16 7.14 -42.22
CA HIS A 24 14.56 8.37 -42.72
C HIS A 24 14.07 9.28 -41.60
N VAL A 25 14.20 10.58 -41.85
CA VAL A 25 13.84 11.59 -40.88
C VAL A 25 12.33 11.69 -40.63
N MET A 26 11.55 10.98 -41.43
CA MET A 26 10.11 10.97 -41.29
C MET A 26 9.65 9.68 -40.60
N SER A 27 10.58 9.05 -39.89
CA SER A 27 10.27 7.83 -39.16
C SER A 27 9.34 8.21 -38.03
N HIS A 28 8.26 7.44 -37.88
CA HIS A 28 7.24 7.65 -36.86
C HIS A 28 7.80 7.93 -35.47
N ALA A 29 8.77 7.11 -35.03
CA ALA A 29 9.37 7.27 -33.70
C ALA A 29 10.04 8.62 -33.44
N LEU A 30 10.52 9.29 -34.48
CA LEU A 30 11.15 10.60 -34.31
C LEU A 30 10.13 11.67 -33.98
N HIS A 31 8.92 11.51 -34.50
CA HIS A 31 7.84 12.46 -34.29
C HIS A 31 6.92 12.14 -33.12
N TYR A 32 6.68 10.86 -32.86
CA TYR A 32 5.75 10.46 -31.82
C TYR A 32 6.25 9.64 -30.64
N GLY A 33 7.56 9.52 -30.49
CA GLY A 33 8.11 8.75 -29.38
C GLY A 33 7.71 7.28 -29.36
N THR A 34 7.27 6.77 -30.51
CA THR A 34 6.83 5.38 -30.62
C THR A 34 7.95 4.37 -30.80
N SER A 35 8.65 4.09 -29.71
CA SER A 35 9.73 3.10 -29.71
C SER A 35 9.83 2.50 -28.32
N VAL A 36 10.46 1.34 -28.26
CA VAL A 36 10.65 0.61 -27.01
C VAL A 36 12.12 0.19 -27.00
N PHE A 37 12.78 0.27 -25.86
CA PHE A 37 14.19 -0.09 -25.81
C PHE A 37 14.59 -0.81 -24.54
N GLU A 38 15.83 -1.31 -24.54
CA GLU A 38 16.40 -1.99 -23.39
C GLU A 38 17.82 -1.52 -23.13
N GLY A 39 18.28 -1.82 -21.92
CA GLY A 39 19.63 -1.49 -21.52
C GLY A 39 20.16 -2.80 -20.97
N ILE A 40 21.16 -3.36 -21.64
CA ILE A 40 21.75 -4.62 -21.19
C ILE A 40 23.26 -4.45 -21.06
N ARG A 41 23.86 -5.19 -20.14
CA ARG A 41 25.31 -5.11 -19.97
C ARG A 41 26.02 -6.42 -20.14
N CYS A 42 27.16 -6.34 -20.80
CA CYS A 42 28.03 -7.49 -21.05
C CYS A 42 29.25 -7.26 -20.16
N TYR A 43 29.52 -8.21 -19.26
CA TYR A 43 30.64 -8.11 -18.36
C TYR A 43 31.71 -9.14 -18.67
N ASP A 44 32.96 -8.73 -18.49
CA ASP A 44 34.09 -9.64 -18.69
C ASP A 44 34.13 -10.37 -17.34
N SER A 45 34.06 -11.69 -17.35
CA SER A 45 34.07 -12.44 -16.10
C SER A 45 35.05 -13.61 -16.11
N HIS A 46 34.97 -14.43 -15.06
CA HIS A 46 35.81 -15.61 -14.90
C HIS A 46 35.48 -16.68 -15.94
N LYS A 47 34.34 -16.51 -16.61
CA LYS A 47 33.88 -17.44 -17.65
C LYS A 47 33.92 -16.71 -18.98
N GLY A 48 34.63 -15.59 -19.03
CA GLY A 48 34.72 -14.81 -20.25
C GLY A 48 33.56 -13.84 -20.36
N PRO A 49 33.38 -13.17 -21.50
CA PRO A 49 32.29 -12.22 -21.69
C PRO A 49 30.95 -12.88 -21.40
N VAL A 50 30.12 -12.20 -20.63
CA VAL A 50 28.83 -12.73 -20.25
C VAL A 50 27.77 -11.63 -20.19
N VAL A 51 26.61 -11.87 -20.78
CA VAL A 51 25.53 -10.90 -20.78
C VAL A 51 24.65 -11.14 -19.55
N PHE A 52 24.54 -10.12 -18.70
CA PHE A 52 23.76 -10.21 -17.47
C PHE A 52 22.24 -10.19 -17.68
N ARG A 53 21.59 -11.25 -17.19
CA ARG A 53 20.14 -11.45 -17.28
C ARG A 53 19.64 -11.11 -18.67
N HIS A 54 20.27 -11.73 -19.65
CA HIS A 54 19.97 -11.54 -21.06
C HIS A 54 18.51 -11.82 -21.45
N ARG A 55 18.02 -13.02 -21.14
CA ARG A 55 16.65 -13.39 -21.50
C ARG A 55 15.61 -12.46 -20.89
N GLU A 56 15.81 -12.09 -19.63
CA GLU A 56 14.86 -11.22 -18.92
C GLU A 56 14.70 -9.86 -19.61
N HIS A 57 15.80 -9.31 -20.11
CA HIS A 57 15.77 -8.03 -20.80
C HIS A 57 15.04 -8.15 -22.13
N MET A 58 15.31 -9.23 -22.87
CA MET A 58 14.65 -9.43 -24.16
C MET A 58 13.17 -9.76 -23.95
N GLN A 59 12.87 -10.38 -22.82
CA GLN A 59 11.48 -10.72 -22.50
C GLN A 59 10.74 -9.41 -22.21
N ARG A 60 11.41 -8.46 -21.55
CA ARG A 60 10.78 -7.18 -21.24
C ARG A 60 10.63 -6.31 -22.48
N LEU A 61 11.48 -6.54 -23.47
CA LEU A 61 11.42 -5.79 -24.72
C LEU A 61 10.11 -6.19 -25.39
N HIS A 62 9.83 -7.49 -25.37
CA HIS A 62 8.61 -8.02 -25.97
C HIS A 62 7.39 -7.54 -25.21
N ASP A 63 7.52 -7.44 -23.89
CA ASP A 63 6.43 -7.01 -23.03
C ASP A 63 6.06 -5.54 -23.23
N SER A 64 7.08 -4.70 -23.41
CA SER A 64 6.84 -3.27 -23.62
C SER A 64 6.17 -3.05 -24.97
N ALA A 65 6.59 -3.81 -25.97
CA ALA A 65 6.04 -3.72 -27.31
C ALA A 65 4.59 -4.24 -27.30
N LYS A 66 4.34 -5.26 -26.49
CA LYS A 66 3.02 -5.86 -26.38
C LYS A 66 1.99 -4.88 -25.83
N ILE A 67 2.40 -4.09 -24.84
CA ILE A 67 1.51 -3.12 -24.23
C ILE A 67 1.06 -2.04 -25.22
N TYR A 68 1.97 -1.65 -26.12
CA TYR A 68 1.65 -0.65 -27.13
C TYR A 68 1.18 -1.30 -28.42
N ARG A 69 1.21 -2.63 -28.46
CA ARG A 69 0.76 -3.40 -29.62
C ARG A 69 1.62 -3.27 -30.87
N PHE A 70 2.92 -3.06 -30.66
CA PHE A 70 3.89 -2.97 -31.76
C PHE A 70 4.18 -4.39 -32.20
N PRO A 71 4.06 -4.67 -33.50
CA PRO A 71 4.35 -6.03 -33.96
C PRO A 71 5.86 -6.29 -33.97
N VAL A 72 6.28 -7.42 -33.43
CA VAL A 72 7.69 -7.81 -33.39
C VAL A 72 7.86 -9.10 -34.18
N SER A 73 8.66 -9.08 -35.23
CA SER A 73 8.89 -10.26 -36.07
C SER A 73 9.83 -11.27 -35.41
N GLN A 74 10.83 -10.76 -34.71
CA GLN A 74 11.84 -11.59 -34.06
C GLN A 74 11.40 -12.18 -32.73
N SER A 75 11.77 -13.44 -32.51
CA SER A 75 11.45 -14.13 -31.26
C SER A 75 12.54 -13.79 -30.23
N ILE A 76 12.31 -14.13 -28.97
CA ILE A 76 13.28 -13.84 -27.92
C ILE A 76 14.63 -14.51 -28.17
N ASP A 77 14.61 -15.72 -28.72
CA ASP A 77 15.86 -16.41 -29.01
C ASP A 77 16.61 -15.77 -30.16
N GLU A 78 15.90 -15.33 -31.19
CA GLU A 78 16.54 -14.66 -32.32
C GLU A 78 17.24 -13.39 -31.84
N LEU A 79 16.55 -12.60 -31.02
CA LEU A 79 17.11 -11.36 -30.49
C LEU A 79 18.33 -11.63 -29.63
N MET A 80 18.30 -12.74 -28.89
CA MET A 80 19.43 -13.11 -28.04
C MET A 80 20.64 -13.52 -28.88
N GLU A 81 20.39 -14.28 -29.94
CA GLU A 81 21.46 -14.71 -30.82
C GLU A 81 22.07 -13.49 -31.53
N ALA A 82 21.22 -12.56 -31.94
CA ALA A 82 21.66 -11.35 -32.63
C ALA A 82 22.51 -10.50 -31.70
N CYS A 83 22.13 -10.46 -30.43
CA CYS A 83 22.86 -9.69 -29.42
C CYS A 83 24.28 -10.24 -29.27
N ARG A 84 24.39 -11.55 -29.10
CA ARG A 84 25.69 -12.19 -28.96
C ARG A 84 26.53 -11.92 -30.20
N ASP A 85 25.90 -11.98 -31.37
CA ASP A 85 26.56 -11.73 -32.64
C ASP A 85 27.21 -10.37 -32.70
N VAL A 86 26.47 -9.34 -32.27
CA VAL A 86 26.98 -7.96 -32.27
C VAL A 86 28.22 -7.80 -31.39
N ILE A 87 28.23 -8.50 -30.27
CA ILE A 87 29.34 -8.43 -29.34
C ILE A 87 30.58 -9.09 -29.92
N ARG A 88 30.43 -10.28 -30.49
CA ARG A 88 31.55 -10.99 -31.10
C ARG A 88 32.08 -10.16 -32.29
N LYS A 89 31.17 -9.81 -33.19
CA LYS A 89 31.49 -9.06 -34.40
C LYS A 89 32.28 -7.78 -34.13
N ASN A 90 32.00 -7.14 -33.00
CA ASN A 90 32.70 -5.90 -32.62
C ASN A 90 33.89 -6.14 -31.71
N ASN A 91 34.19 -7.41 -31.43
CA ASN A 91 35.31 -7.79 -30.57
C ASN A 91 35.27 -7.15 -29.19
N LEU A 92 34.08 -7.14 -28.60
CA LEU A 92 33.91 -6.56 -27.27
C LEU A 92 33.89 -7.66 -26.22
N THR A 93 34.51 -7.37 -25.08
CA THR A 93 34.55 -8.30 -23.96
C THR A 93 33.60 -7.78 -22.90
N SER A 94 33.44 -6.46 -22.87
CA SER A 94 32.53 -5.81 -21.94
C SER A 94 31.92 -4.65 -22.72
N ALA A 95 30.63 -4.44 -22.54
CA ALA A 95 29.95 -3.37 -23.26
C ALA A 95 28.54 -3.13 -22.76
N TYR A 96 27.92 -2.10 -23.32
CA TYR A 96 26.55 -1.75 -23.01
C TYR A 96 25.80 -2.03 -24.31
N ILE A 97 24.76 -2.86 -24.22
CA ILE A 97 23.97 -3.22 -25.40
C ILE A 97 22.65 -2.45 -25.38
N ARG A 98 22.24 -1.98 -26.55
CA ARG A 98 21.01 -1.21 -26.69
C ARG A 98 20.06 -1.69 -27.79
N PRO A 99 19.11 -2.55 -27.42
CA PRO A 99 18.11 -3.08 -28.37
C PRO A 99 17.05 -2.00 -28.51
N LEU A 100 16.63 -1.73 -29.74
CA LEU A 100 15.63 -0.68 -29.97
C LEU A 100 14.66 -1.10 -31.06
N ILE A 101 13.39 -1.17 -30.70
CA ILE A 101 12.30 -1.51 -31.62
C ILE A 101 11.57 -0.20 -31.83
N PHE A 102 11.41 0.20 -33.09
CA PHE A 102 10.75 1.46 -33.36
C PHE A 102 9.87 1.46 -34.60
N VAL A 103 8.87 2.33 -34.61
CA VAL A 103 7.97 2.45 -35.76
C VAL A 103 8.70 3.33 -36.76
N GLY A 104 9.02 2.75 -37.91
CA GLY A 104 9.76 3.48 -38.93
C GLY A 104 8.98 4.36 -39.89
N ASP A 105 9.52 4.43 -41.10
CA ASP A 105 8.97 5.23 -42.20
C ASP A 105 7.62 4.71 -42.67
N VAL A 106 6.59 5.01 -41.88
CA VAL A 106 5.22 4.63 -42.22
C VAL A 106 4.47 5.98 -42.35
N GLY A 107 3.15 6.00 -42.40
CA GLY A 107 2.49 7.29 -42.53
C GLY A 107 2.76 8.30 -41.42
N MET A 108 2.11 9.47 -41.49
CA MET A 108 2.27 10.51 -40.48
C MET A 108 1.10 10.52 -39.49
N GLY A 109 0.15 9.61 -39.68
CA GLY A 109 -0.98 9.51 -38.79
C GLY A 109 -0.45 8.93 -37.49
N VAL A 110 -1.00 9.35 -36.36
CA VAL A 110 -0.55 8.86 -35.06
C VAL A 110 -0.64 7.34 -34.97
N ASN A 111 -1.73 6.79 -35.49
CA ASN A 111 -1.95 5.34 -35.48
C ASN A 111 -1.42 4.76 -36.78
N PRO A 112 -0.39 3.91 -36.71
CA PRO A 112 0.22 3.28 -37.89
C PRO A 112 -0.82 2.45 -38.65
N PRO A 113 -0.70 2.39 -39.99
CA PRO A 113 -1.64 1.61 -40.80
C PRO A 113 -1.51 0.11 -40.55
N ALA A 114 -2.63 -0.59 -40.60
CA ALA A 114 -2.67 -2.04 -40.36
C ALA A 114 -1.71 -2.78 -41.28
N GLY A 115 -1.09 -3.83 -40.74
CA GLY A 115 -0.15 -4.61 -41.53
C GLY A 115 1.27 -4.07 -41.56
N TYR A 116 1.52 -2.99 -40.82
CA TYR A 116 2.86 -2.41 -40.76
C TYR A 116 3.74 -3.28 -39.88
N SER A 117 5.04 -3.07 -39.94
CA SER A 117 5.98 -3.82 -39.11
C SER A 117 7.02 -2.85 -38.55
N THR A 118 7.62 -3.22 -37.43
CA THR A 118 8.62 -2.35 -36.81
C THR A 118 10.04 -2.65 -37.26
N ASP A 119 10.93 -1.70 -37.02
CA ASP A 119 12.34 -1.85 -37.35
C ASP A 119 13.04 -2.16 -36.03
N VAL A 120 14.01 -3.08 -36.07
CA VAL A 120 14.75 -3.44 -34.87
C VAL A 120 16.23 -3.12 -35.05
N ILE A 121 16.86 -2.67 -33.98
CA ILE A 121 18.26 -2.27 -33.96
C ILE A 121 18.92 -2.78 -32.68
N ILE A 122 20.15 -3.27 -32.78
CA ILE A 122 20.87 -3.71 -31.60
C ILE A 122 22.29 -3.17 -31.74
N ALA A 123 22.65 -2.23 -30.89
CA ALA A 123 23.96 -1.62 -30.91
C ALA A 123 24.69 -1.94 -29.63
N ALA A 124 25.98 -2.22 -29.73
CA ALA A 124 26.80 -2.52 -28.55
C ALA A 124 28.04 -1.63 -28.59
N PHE A 125 28.47 -1.15 -27.43
CA PHE A 125 29.63 -0.29 -27.34
C PHE A 125 30.08 -0.15 -25.88
N PRO A 126 31.36 0.19 -25.65
CA PRO A 126 31.86 0.34 -24.28
C PRO A 126 31.21 1.57 -23.61
N TRP A 127 30.86 1.43 -22.34
CA TRP A 127 30.24 2.54 -21.62
C TRP A 127 30.56 2.41 -20.13
N GLY A 128 31.13 3.46 -19.56
CA GLY A 128 31.50 3.44 -18.15
C GLY A 128 30.33 3.62 -17.21
N ALA A 129 30.63 4.01 -15.97
CA ALA A 129 29.62 4.24 -14.94
C ALA A 129 28.75 5.43 -15.31
N TYR A 130 27.45 5.22 -15.32
CA TYR A 130 26.49 6.27 -15.69
C TYR A 130 26.60 7.53 -14.84
N LEU A 131 26.68 7.37 -13.53
CA LEU A 131 26.76 8.52 -12.63
C LEU A 131 28.18 8.99 -12.28
N GLY A 132 29.19 8.40 -12.91
CA GLY A 132 30.56 8.80 -12.63
C GLY A 132 31.50 7.68 -12.26
N ALA A 133 32.78 7.86 -12.58
CA ALA A 133 33.80 6.85 -12.30
C ALA A 133 33.93 6.53 -10.82
N GLU A 134 33.95 7.57 -9.98
CA GLU A 134 34.06 7.37 -8.54
C GLU A 134 32.71 7.25 -7.81
N ALA A 135 31.63 7.26 -8.58
CA ALA A 135 30.28 7.17 -8.03
C ALA A 135 29.99 5.88 -7.26
N LEU A 136 30.47 4.75 -7.77
CA LEU A 136 30.25 3.45 -7.13
C LEU A 136 30.92 3.35 -5.75
N GLU A 137 32.05 4.03 -5.58
CA GLU A 137 32.79 4.00 -4.32
C GLU A 137 32.40 5.11 -3.35
N GLN A 138 32.45 6.35 -3.82
CA GLN A 138 32.15 7.50 -2.99
C GLN A 138 30.66 7.84 -2.83
N GLY A 139 29.85 7.51 -3.82
CA GLY A 139 28.44 7.82 -3.77
C GLY A 139 28.17 9.14 -4.44
N ILE A 140 26.90 9.51 -4.59
CA ILE A 140 26.55 10.77 -5.24
C ILE A 140 25.63 11.63 -4.39
N ASP A 141 25.44 12.86 -4.83
CA ASP A 141 24.57 13.80 -4.13
C ASP A 141 23.31 13.94 -4.98
N ALA A 142 22.17 13.57 -4.41
CA ALA A 142 20.91 13.64 -5.15
C ALA A 142 20.01 14.77 -4.66
N MET A 143 19.03 15.10 -5.48
CA MET A 143 18.08 16.18 -5.18
C MET A 143 16.68 15.73 -5.53
N VAL A 144 15.70 16.02 -4.67
CA VAL A 144 14.32 15.67 -4.97
C VAL A 144 13.81 16.72 -5.96
N SER A 145 13.41 16.25 -7.14
CA SER A 145 12.93 17.11 -8.21
C SER A 145 11.57 17.74 -7.98
N SER A 146 11.33 18.86 -8.66
CA SER A 146 10.06 19.58 -8.58
C SER A 146 9.08 19.02 -9.61
N TRP A 147 9.55 18.10 -10.46
CA TRP A 147 8.75 17.44 -11.48
C TRP A 147 8.38 16.06 -11.01
N ASN A 148 7.10 15.68 -11.18
CA ASN A 148 6.63 14.37 -10.76
C ASN A 148 6.60 13.37 -11.91
N ARG A 149 6.63 12.08 -11.57
CA ARG A 149 6.57 11.04 -12.58
C ARG A 149 5.13 10.74 -12.97
N ALA A 150 4.96 10.23 -14.18
CA ALA A 150 3.66 9.90 -14.76
C ALA A 150 2.65 9.24 -13.83
N ALA A 151 1.41 9.71 -13.92
CA ALA A 151 0.30 9.17 -13.14
C ALA A 151 -0.01 7.75 -13.64
N PRO A 152 -0.52 6.88 -12.75
CA PRO A 152 -0.88 5.49 -13.01
C PRO A 152 -1.55 5.02 -14.31
N ASN A 153 -2.64 5.67 -14.72
CA ASN A 153 -3.34 5.20 -15.92
C ASN A 153 -3.25 6.20 -17.07
N THR A 154 -2.05 6.70 -17.32
CA THR A 154 -1.85 7.67 -18.38
C THR A 154 -0.91 7.09 -19.42
N ILE A 155 0.38 7.02 -19.07
CA ILE A 155 1.40 6.48 -19.93
C ILE A 155 2.02 5.40 -19.06
N PRO A 156 1.71 4.11 -19.34
CA PRO A 156 2.22 2.95 -18.60
C PRO A 156 3.70 3.00 -18.24
N THR A 157 3.98 3.09 -16.95
CA THR A 157 5.36 3.15 -16.46
C THR A 157 6.07 1.79 -16.44
N ALA A 158 5.33 0.71 -16.64
CA ALA A 158 5.91 -0.63 -16.64
C ALA A 158 6.59 -0.92 -17.96
N ALA A 159 6.28 -0.12 -18.99
CA ALA A 159 6.86 -0.29 -20.30
C ALA A 159 8.06 0.66 -20.44
N LYS A 160 9.15 0.14 -20.97
CA LYS A 160 10.36 0.94 -21.16
C LYS A 160 10.30 1.51 -22.57
N ALA A 161 9.50 2.56 -22.74
CA ALA A 161 9.32 3.20 -24.04
C ALA A 161 10.01 4.54 -24.17
N GLY A 162 10.36 4.89 -25.41
CA GLY A 162 11.04 6.14 -25.69
C GLY A 162 10.38 7.41 -25.17
N GLY A 163 9.11 7.61 -25.51
CA GLY A 163 8.40 8.79 -25.07
C GLY A 163 8.44 9.06 -23.58
N ASN A 164 8.61 8.01 -22.78
CA ASN A 164 8.65 8.13 -21.31
C ASN A 164 9.75 9.08 -20.84
N TYR A 165 10.86 9.04 -21.54
CA TYR A 165 12.04 9.82 -21.19
C TYR A 165 12.06 11.33 -21.20
N LEU A 166 10.94 11.94 -21.60
CA LEU A 166 10.86 13.40 -21.57
C LEU A 166 10.85 13.73 -20.09
N SER A 167 10.24 12.85 -19.30
CA SER A 167 10.14 12.99 -17.86
C SER A 167 11.49 12.86 -17.19
N SER A 168 12.24 11.82 -17.55
CA SER A 168 13.57 11.59 -16.99
C SER A 168 14.52 12.74 -17.32
N LEU A 169 14.32 13.33 -18.50
CA LEU A 169 15.13 14.44 -18.95
C LEU A 169 14.88 15.62 -18.02
N LEU A 170 13.61 15.92 -17.77
CA LEU A 170 13.24 17.01 -16.88
C LEU A 170 13.74 16.83 -15.46
N VAL A 171 13.54 15.63 -14.90
CA VAL A 171 13.97 15.34 -13.55
C VAL A 171 15.50 15.39 -13.40
N GLY A 172 16.21 14.72 -14.30
CA GLY A 172 17.66 14.68 -14.24
C GLY A 172 18.38 16.00 -14.53
N SER A 173 17.95 16.72 -15.55
CA SER A 173 18.58 17.98 -15.90
C SER A 173 18.44 19.02 -14.80
N GLU A 174 17.31 18.99 -14.09
CA GLU A 174 17.10 19.94 -13.00
C GLU A 174 18.11 19.72 -11.88
N ALA A 175 18.39 18.46 -11.58
CA ALA A 175 19.33 18.12 -10.52
C ALA A 175 20.75 18.54 -10.90
N ARG A 176 21.14 18.22 -12.13
CA ARG A 176 22.46 18.55 -12.63
C ARG A 176 22.68 20.06 -12.77
N ARG A 177 21.59 20.79 -13.04
CA ARG A 177 21.68 22.24 -13.19
C ARG A 177 21.98 22.92 -11.86
N HIS A 178 21.64 22.24 -10.76
CA HIS A 178 21.88 22.78 -9.43
C HIS A 178 23.07 22.17 -8.71
N GLY A 179 23.92 21.47 -9.46
CA GLY A 179 25.11 20.88 -8.86
C GLY A 179 25.01 19.45 -8.33
N TYR A 180 23.86 18.81 -8.51
CA TYR A 180 23.69 17.43 -8.04
C TYR A 180 23.98 16.43 -9.17
N GLN A 181 24.25 15.18 -8.81
CA GLN A 181 24.55 14.15 -9.79
C GLN A 181 23.31 13.48 -10.38
N GLU A 182 22.22 13.45 -9.61
CA GLU A 182 21.00 12.82 -10.08
C GLU A 182 19.79 13.34 -9.32
N GLY A 183 18.62 13.26 -9.95
CA GLY A 183 17.40 13.72 -9.32
C GLY A 183 16.47 12.58 -8.99
N ILE A 184 15.78 12.71 -7.85
CA ILE A 184 14.83 11.71 -7.40
C ILE A 184 13.43 12.28 -7.59
N ALA A 185 12.58 11.54 -8.29
CA ALA A 185 11.21 12.00 -8.53
C ALA A 185 10.18 11.38 -7.61
N LEU A 186 9.18 12.17 -7.28
CA LEU A 186 8.08 11.72 -6.44
C LEU A 186 6.94 11.47 -7.42
N ASP A 187 5.98 10.62 -7.04
CA ASP A 187 4.85 10.38 -7.93
C ASP A 187 3.82 11.49 -7.72
N VAL A 188 2.69 11.43 -8.40
CA VAL A 188 1.66 12.46 -8.27
C VAL A 188 1.04 12.57 -6.88
N ASN A 189 1.21 11.53 -6.07
CA ASN A 189 0.68 11.48 -4.71
C ASN A 189 1.61 12.09 -3.68
N GLY A 190 2.87 12.30 -4.08
CA GLY A 190 3.84 12.88 -3.16
C GLY A 190 4.71 11.86 -2.47
N TYR A 191 4.71 10.64 -2.99
CA TYR A 191 5.52 9.56 -2.43
C TYR A 191 6.73 9.35 -3.35
N ILE A 192 7.76 8.68 -2.84
CA ILE A 192 8.96 8.43 -3.62
C ILE A 192 8.68 7.46 -4.77
N SER A 193 9.11 7.83 -5.98
CA SER A 193 8.93 6.97 -7.13
C SER A 193 10.26 6.28 -7.42
N GLU A 194 11.23 7.05 -7.91
CA GLU A 194 12.56 6.55 -8.23
C GLU A 194 13.40 7.68 -8.81
N GLY A 195 14.67 7.39 -9.11
CA GLY A 195 15.54 8.38 -9.70
C GLY A 195 15.11 8.60 -11.14
N ALA A 196 15.72 9.56 -11.83
CA ALA A 196 15.38 9.84 -13.22
C ALA A 196 15.47 8.63 -14.13
N GLY A 197 16.42 7.74 -13.87
CA GLY A 197 16.60 6.54 -14.68
C GLY A 197 17.15 5.37 -13.89
N GLU A 198 16.84 5.33 -12.60
CA GLU A 198 17.30 4.23 -11.74
C GLU A 198 16.40 4.04 -10.52
N ASN A 199 16.19 2.78 -10.11
CA ASN A 199 15.35 2.49 -8.95
C ASN A 199 16.00 2.98 -7.67
N LEU A 200 15.18 3.17 -6.65
CA LEU A 200 15.65 3.69 -5.37
C LEU A 200 15.41 2.73 -4.21
N PHE A 201 16.45 2.55 -3.40
CA PHE A 201 16.40 1.68 -2.22
C PHE A 201 16.84 2.46 -0.99
N GLU A 202 16.28 2.10 0.17
CA GLU A 202 16.62 2.74 1.44
C GLU A 202 16.90 1.64 2.43
N VAL A 203 17.81 1.91 3.37
CA VAL A 203 18.13 0.94 4.40
C VAL A 203 17.86 1.62 5.72
N LYS A 204 17.07 0.96 6.57
CA LYS A 204 16.74 1.51 7.87
C LYS A 204 16.67 0.37 8.88
N ASP A 205 17.56 0.43 9.87
CA ASP A 205 17.64 -0.59 10.91
C ASP A 205 17.88 -1.98 10.34
N GLY A 206 18.78 -2.06 9.35
CA GLY A 206 19.10 -3.33 8.73
C GLY A 206 18.07 -3.87 7.75
N VAL A 207 17.02 -3.11 7.48
CA VAL A 207 15.97 -3.55 6.56
C VAL A 207 16.01 -2.78 5.24
N LEU A 208 15.83 -3.51 4.14
CA LEU A 208 15.84 -2.92 2.80
C LEU A 208 14.43 -2.50 2.39
N PHE A 209 14.29 -1.29 1.86
CA PHE A 209 12.99 -0.75 1.44
C PHE A 209 13.03 -0.29 -0.01
N THR A 210 11.95 -0.52 -0.74
CA THR A 210 11.84 -0.08 -2.13
C THR A 210 10.38 0.19 -2.47
N PRO A 211 10.11 1.22 -3.29
CA PRO A 211 8.73 1.52 -3.66
C PRO A 211 8.21 0.44 -4.60
N PRO A 212 6.90 0.16 -4.56
CA PRO A 212 6.33 -0.87 -5.44
C PRO A 212 6.16 -0.25 -6.84
N PHE A 213 5.81 -1.07 -7.83
CA PHE A 213 5.62 -0.59 -9.21
C PHE A 213 4.50 0.43 -9.30
N THR A 214 3.57 0.34 -8.37
CA THR A 214 2.42 1.25 -8.32
C THR A 214 2.80 2.68 -7.92
N SER A 215 4.07 2.89 -7.59
CA SER A 215 4.57 4.22 -7.25
C SER A 215 5.21 4.81 -8.51
N SER A 216 4.72 4.37 -9.67
CA SER A 216 5.20 4.82 -10.98
C SER A 216 6.66 4.46 -11.20
N ALA A 217 7.09 3.37 -10.60
CA ALA A 217 8.46 2.91 -10.70
C ALA A 217 8.55 1.74 -11.67
N LEU A 218 9.48 1.82 -12.62
CA LEU A 218 9.65 0.75 -13.59
C LEU A 218 10.20 -0.49 -12.90
N PRO A 219 9.69 -1.68 -13.27
CA PRO A 219 10.11 -2.98 -12.70
C PRO A 219 11.55 -3.30 -13.12
N GLY A 220 12.50 -2.68 -12.44
CA GLY A 220 13.90 -2.89 -12.75
C GLY A 220 14.40 -4.31 -12.60
N ILE A 221 15.23 -4.72 -13.55
CA ILE A 221 15.81 -6.06 -13.54
C ILE A 221 16.96 -6.10 -12.55
N THR A 222 17.62 -4.97 -12.35
CA THR A 222 18.72 -4.88 -11.39
C THR A 222 18.05 -4.85 -10.02
N ARG A 223 16.92 -4.16 -9.95
CA ARG A 223 16.14 -4.05 -8.73
C ARG A 223 15.73 -5.44 -8.27
N ASP A 224 15.25 -6.25 -9.21
CA ASP A 224 14.82 -7.61 -8.93
C ASP A 224 15.99 -8.50 -8.50
N ALA A 225 17.15 -8.27 -9.09
CA ALA A 225 18.35 -9.04 -8.75
C ALA A 225 18.79 -8.73 -7.33
N ILE A 226 18.75 -7.45 -6.97
CA ILE A 226 19.15 -7.00 -5.64
C ILE A 226 18.25 -7.57 -4.55
N ILE A 227 16.95 -7.62 -4.84
CA ILE A 227 15.99 -8.17 -3.87
C ILE A 227 16.28 -9.66 -3.65
N LYS A 228 16.61 -10.37 -4.73
CA LYS A 228 16.91 -11.79 -4.64
C LYS A 228 18.25 -12.04 -3.95
N LEU A 229 19.25 -11.21 -4.23
CA LEU A 229 20.56 -11.37 -3.60
C LEU A 229 20.44 -11.06 -2.11
N ALA A 230 19.65 -10.03 -1.79
CA ALA A 230 19.45 -9.61 -0.41
C ALA A 230 18.85 -10.74 0.42
N LYS A 231 17.89 -11.45 -0.16
CA LYS A 231 17.26 -12.56 0.54
C LYS A 231 18.24 -13.70 0.77
N GLU A 232 19.22 -13.85 -0.12
CA GLU A 232 20.25 -14.88 0.02
C GLU A 232 21.18 -14.53 1.19
N LEU A 233 21.40 -13.23 1.38
CA LEU A 233 22.27 -12.72 2.44
C LEU A 233 21.56 -12.65 3.79
N GLY A 234 20.28 -12.97 3.79
CA GLY A 234 19.52 -12.92 5.04
C GLY A 234 19.11 -11.51 5.44
N ILE A 235 18.89 -10.65 4.45
CA ILE A 235 18.48 -9.27 4.73
C ILE A 235 16.98 -9.16 4.42
N GLU A 236 16.21 -8.62 5.36
CA GLU A 236 14.78 -8.47 5.15
C GLU A 236 14.49 -7.38 4.12
N VAL A 237 13.62 -7.68 3.18
CA VAL A 237 13.25 -6.72 2.15
C VAL A 237 11.77 -6.38 2.29
N ARG A 238 11.48 -5.08 2.21
CA ARG A 238 10.12 -4.59 2.31
C ARG A 238 9.81 -3.70 1.13
N GLU A 239 8.83 -4.12 0.35
CA GLU A 239 8.40 -3.41 -0.82
C GLU A 239 7.16 -2.62 -0.39
N GLN A 240 7.33 -1.33 -0.15
CA GLN A 240 6.22 -0.50 0.28
C GLN A 240 6.35 0.95 -0.14
N VAL A 241 5.25 1.69 -0.03
CA VAL A 241 5.23 3.10 -0.38
C VAL A 241 6.10 3.84 0.63
N LEU A 242 6.88 4.81 0.15
CA LEU A 242 7.78 5.57 1.00
C LEU A 242 7.53 7.07 0.92
N SER A 243 7.54 7.73 2.08
CA SER A 243 7.32 9.17 2.14
C SER A 243 8.61 9.90 1.76
N ARG A 244 8.49 11.18 1.41
CA ARG A 244 9.67 11.95 1.04
C ARG A 244 10.67 12.08 2.19
N GLU A 245 10.17 12.31 3.41
CA GLU A 245 11.01 12.47 4.59
C GLU A 245 11.85 11.26 4.91
N SER A 246 11.41 10.08 4.47
CA SER A 246 12.15 8.85 4.73
C SER A 246 13.58 8.91 4.21
N LEU A 247 13.80 9.73 3.19
CA LEU A 247 15.12 9.90 2.60
C LEU A 247 16.09 10.55 3.56
N TYR A 248 15.55 11.36 4.47
CA TYR A 248 16.37 12.06 5.46
C TYR A 248 16.58 11.26 6.73
N LEU A 249 15.73 10.27 6.96
CA LEU A 249 15.80 9.44 8.15
C LEU A 249 16.45 8.08 7.93
N ALA A 250 16.71 7.74 6.66
CA ALA A 250 17.30 6.46 6.30
C ALA A 250 18.77 6.35 6.66
N ASP A 251 19.19 5.15 7.06
CA ASP A 251 20.58 4.90 7.41
C ASP A 251 21.43 4.90 6.15
N GLU A 252 20.84 4.40 5.06
CA GLU A 252 21.53 4.33 3.77
C GLU A 252 20.51 4.45 2.66
N VAL A 253 20.98 4.85 1.48
CA VAL A 253 20.12 4.95 0.31
C VAL A 253 20.96 4.79 -0.94
N PHE A 254 20.49 3.98 -1.88
CA PHE A 254 21.22 3.76 -3.12
C PHE A 254 20.31 3.59 -4.34
N MET A 255 20.90 3.73 -5.52
CA MET A 255 20.17 3.59 -6.78
C MET A 255 20.62 2.38 -7.54
N SER A 256 19.73 1.81 -8.34
CA SER A 256 20.04 0.62 -9.14
C SER A 256 19.55 0.77 -10.57
N GLY A 257 20.26 0.15 -11.49
CA GLY A 257 19.91 0.22 -12.90
C GLY A 257 20.97 -0.50 -13.70
N THR A 258 20.70 -0.80 -14.96
CA THR A 258 21.69 -1.48 -15.78
C THR A 258 22.92 -0.59 -15.98
N ALA A 259 22.69 0.64 -16.44
CA ALA A 259 23.77 1.61 -16.67
C ALA A 259 24.38 2.14 -15.36
N ALA A 260 23.54 2.36 -14.36
CA ALA A 260 23.99 2.89 -13.07
C ALA A 260 24.50 1.82 -12.12
N GLU A 261 24.19 0.55 -12.42
CA GLU A 261 24.60 -0.58 -11.59
C GLU A 261 24.10 -0.34 -10.16
N ILE A 262 25.00 -0.24 -9.18
CA ILE A 262 24.58 0.00 -7.80
C ILE A 262 25.34 1.21 -7.27
N THR A 263 24.71 2.38 -7.32
CA THR A 263 25.34 3.62 -6.88
C THR A 263 24.82 4.15 -5.54
N PRO A 264 25.71 4.30 -4.56
CA PRO A 264 25.31 4.81 -3.24
C PRO A 264 24.94 6.28 -3.33
N VAL A 265 24.03 6.71 -2.45
CA VAL A 265 23.61 8.11 -2.40
C VAL A 265 24.08 8.62 -1.05
N ARG A 266 25.07 9.49 -1.05
CA ARG A 266 25.62 10.01 0.20
C ARG A 266 24.87 11.19 0.80
N SER A 267 24.02 11.84 0.00
CA SER A 267 23.25 12.97 0.50
C SER A 267 22.04 13.24 -0.38
N VAL A 268 20.98 13.76 0.22
CA VAL A 268 19.75 14.10 -0.50
C VAL A 268 19.36 15.50 -0.08
N ASP A 269 19.27 16.41 -1.05
CA ASP A 269 18.92 17.80 -0.79
C ASP A 269 19.85 18.52 0.17
N GLY A 270 21.12 18.14 0.14
CA GLY A 270 22.09 18.77 1.02
C GLY A 270 22.13 18.15 2.40
N ILE A 271 21.22 17.21 2.66
CA ILE A 271 21.19 16.54 3.95
C ILE A 271 21.96 15.23 3.82
N GLN A 272 22.99 15.08 4.64
CA GLN A 272 23.85 13.90 4.62
C GLN A 272 23.14 12.62 5.06
N VAL A 273 23.41 11.54 4.33
CA VAL A 273 22.83 10.23 4.59
C VAL A 273 23.78 9.43 5.46
N GLY A 274 23.37 9.16 6.70
CA GLY A 274 24.21 8.41 7.61
C GLY A 274 25.59 9.01 7.79
N GLU A 275 26.60 8.26 7.37
CA GLU A 275 28.00 8.68 7.49
C GLU A 275 28.52 9.51 6.33
N GLY A 276 27.71 9.67 5.29
CA GLY A 276 28.15 10.45 4.15
C GLY A 276 29.05 9.67 3.21
N ARG A 277 29.13 8.36 3.44
CA ARG A 277 29.94 7.47 2.61
C ARG A 277 29.10 6.24 2.30
N CYS A 278 29.63 5.33 1.50
CA CYS A 278 28.90 4.12 1.17
C CYS A 278 28.63 3.35 2.46
N GLY A 279 27.36 2.98 2.67
CA GLY A 279 27.00 2.27 3.89
C GLY A 279 27.34 0.78 3.88
N PRO A 280 27.31 0.13 5.05
CA PRO A 280 27.63 -1.30 5.19
C PRO A 280 26.73 -2.27 4.44
N VAL A 281 25.41 -2.04 4.44
CA VAL A 281 24.51 -2.93 3.73
C VAL A 281 24.66 -2.76 2.23
N THR A 282 24.84 -1.52 1.77
CA THR A 282 25.02 -1.25 0.36
C THR A 282 26.29 -1.99 -0.08
N LYS A 283 27.33 -1.90 0.75
CA LYS A 283 28.61 -2.55 0.50
C LYS A 283 28.42 -4.06 0.30
N ARG A 284 27.74 -4.70 1.25
CA ARG A 284 27.50 -6.13 1.18
C ARG A 284 26.87 -6.51 -0.14
N ILE A 285 25.85 -5.74 -0.53
CA ILE A 285 25.12 -5.97 -1.77
C ILE A 285 26.00 -5.74 -2.99
N GLN A 286 26.82 -4.70 -2.97
CA GLN A 286 27.72 -4.42 -4.09
C GLN A 286 28.67 -5.61 -4.28
N GLN A 287 29.30 -6.05 -3.18
CA GLN A 287 30.23 -7.18 -3.24
C GLN A 287 29.55 -8.45 -3.77
N ALA A 288 28.34 -8.70 -3.31
CA ALA A 288 27.61 -9.88 -3.74
C ALA A 288 27.24 -9.80 -5.22
N PHE A 289 26.92 -8.59 -5.67
CA PHE A 289 26.55 -8.37 -7.07
C PHE A 289 27.76 -8.55 -8.00
N PHE A 290 28.82 -7.79 -7.75
CA PHE A 290 30.02 -7.87 -8.55
C PHE A 290 30.73 -9.21 -8.38
N GLY A 291 30.43 -9.90 -7.29
CA GLY A 291 31.04 -11.21 -7.04
C GLY A 291 30.61 -12.24 -8.07
N LEU A 292 29.48 -11.99 -8.73
CA LEU A 292 28.95 -12.89 -9.75
C LEU A 292 29.90 -13.03 -10.93
N PHE A 293 30.65 -11.98 -11.20
CA PHE A 293 31.56 -11.98 -12.33
C PHE A 293 32.98 -12.41 -11.96
N THR A 294 33.17 -12.72 -10.68
CA THR A 294 34.46 -13.15 -10.18
C THR A 294 34.37 -14.63 -9.81
N GLY A 295 33.16 -15.09 -9.51
CA GLY A 295 32.95 -16.46 -9.14
C GLY A 295 32.72 -16.63 -7.65
N GLU A 296 32.90 -15.54 -6.90
CA GLU A 296 32.72 -15.57 -5.45
C GLU A 296 31.26 -15.83 -5.14
N THR A 297 30.38 -15.21 -5.92
CA THR A 297 28.95 -15.40 -5.73
C THR A 297 28.46 -16.43 -6.74
N GLU A 298 27.87 -17.51 -6.23
CA GLU A 298 27.36 -18.58 -7.08
C GLU A 298 26.15 -18.08 -7.86
N ASP A 299 26.15 -18.32 -9.16
CA ASP A 299 25.03 -17.93 -9.99
C ASP A 299 23.97 -19.02 -9.86
N LYS A 300 23.16 -18.93 -8.80
CA LYS A 300 22.10 -19.91 -8.56
C LYS A 300 20.89 -19.79 -9.49
N TRP A 301 20.74 -18.62 -10.12
CA TRP A 301 19.58 -18.36 -10.97
C TRP A 301 19.78 -18.46 -12.47
N GLY A 302 21.03 -18.57 -12.91
CA GLY A 302 21.30 -18.65 -14.34
C GLY A 302 21.18 -17.26 -14.95
N TRP A 303 21.76 -16.28 -14.27
CA TRP A 303 21.75 -14.89 -14.69
C TRP A 303 22.85 -14.57 -15.70
N LEU A 304 23.88 -15.40 -15.76
CA LEU A 304 24.99 -15.15 -16.69
C LEU A 304 24.84 -15.96 -17.98
N ASP A 305 24.72 -15.23 -19.10
CA ASP A 305 24.57 -15.84 -20.42
C ASP A 305 25.87 -15.71 -21.19
N GLN A 306 26.56 -16.82 -21.42
CA GLN A 306 27.83 -16.80 -22.13
C GLN A 306 27.71 -16.40 -23.60
N VAL A 307 28.54 -15.44 -23.99
CA VAL A 307 28.57 -14.94 -25.36
C VAL A 307 29.30 -15.93 -26.26
N ASN A 308 30.34 -16.54 -25.70
CA ASN A 308 31.23 -17.50 -26.37
C ASN A 308 32.33 -16.72 -27.12
N LYS B 5 2.68 22.24 36.72
CA LYS B 5 3.77 23.14 37.20
C LYS B 5 4.78 22.43 38.10
N ALA B 6 6.01 22.93 38.06
CA ALA B 6 7.12 22.41 38.85
C ALA B 6 8.03 23.57 39.27
N ASP B 7 9.18 23.25 39.85
CA ASP B 7 10.13 24.26 40.33
C ASP B 7 11.10 24.87 39.34
N TYR B 8 11.78 24.02 38.57
CA TYR B 8 12.78 24.49 37.60
C TYR B 8 12.49 23.97 36.21
N ILE B 9 13.16 24.59 35.25
CA ILE B 9 13.07 24.26 33.84
C ILE B 9 14.48 24.41 33.29
N TRP B 10 14.93 23.43 32.53
CA TRP B 10 16.25 23.49 31.94
C TRP B 10 16.12 24.40 30.73
N PHE B 11 16.88 25.50 30.73
CA PHE B 11 16.81 26.48 29.66
C PHE B 11 18.22 26.80 29.16
N ASN B 12 18.54 26.31 27.97
CA ASN B 12 19.84 26.53 27.35
C ASN B 12 21.06 26.16 28.20
N GLY B 13 20.96 25.03 28.90
CA GLY B 13 22.10 24.60 29.69
C GLY B 13 22.04 24.83 31.19
N GLU B 14 21.16 25.70 31.65
CA GLU B 14 21.09 25.95 33.09
C GLU B 14 19.69 25.87 33.64
N MET B 15 19.57 25.37 34.87
CA MET B 15 18.28 25.24 35.53
C MET B 15 17.83 26.61 35.97
N VAL B 16 16.65 27.00 35.51
CA VAL B 16 16.08 28.29 35.83
C VAL B 16 14.75 28.05 36.54
N ARG B 17 14.39 28.95 37.46
CA ARG B 17 13.14 28.79 38.19
C ARG B 17 12.02 28.92 37.20
N TRP B 18 10.99 28.10 37.38
CA TRP B 18 9.85 28.09 36.48
C TRP B 18 9.37 29.47 36.08
N GLU B 19 9.10 30.32 37.07
CA GLU B 19 8.58 31.67 36.83
C GLU B 19 9.46 32.55 35.94
N ASP B 20 10.76 32.26 35.91
CA ASP B 20 11.71 33.04 35.15
C ASP B 20 11.99 32.55 33.74
N ALA B 21 11.42 31.41 33.36
CA ALA B 21 11.63 30.86 32.02
C ALA B 21 10.78 31.59 30.99
N LYS B 22 11.17 32.83 30.69
CA LYS B 22 10.45 33.66 29.73
C LYS B 22 11.27 33.82 28.46
N VAL B 23 10.61 34.24 27.41
CA VAL B 23 11.26 34.44 26.11
C VAL B 23 10.56 35.64 25.46
N HIS B 24 11.27 36.34 24.58
CA HIS B 24 10.71 37.54 23.93
C HIS B 24 9.49 37.23 23.07
N VAL B 25 8.55 38.17 23.06
CA VAL B 25 7.31 38.03 22.31
C VAL B 25 7.52 38.04 20.79
N MET B 26 8.71 38.43 20.35
CA MET B 26 9.04 38.48 18.92
C MET B 26 9.86 37.25 18.54
N SER B 27 9.78 36.20 19.35
CA SER B 27 10.49 34.95 19.06
C SER B 27 9.87 34.37 17.81
N HIS B 28 10.72 33.96 16.87
CA HIS B 28 10.30 33.39 15.60
C HIS B 28 9.19 32.34 15.70
N ALA B 29 9.35 31.38 16.61
CA ALA B 29 8.38 30.30 16.79
C ALA B 29 6.97 30.73 17.13
N LEU B 30 6.82 31.89 17.78
CA LEU B 30 5.50 32.41 18.14
C LEU B 30 4.72 32.88 16.92
N HIS B 31 5.44 33.38 15.92
CA HIS B 31 4.83 33.89 14.71
C HIS B 31 4.76 32.89 13.57
N TYR B 32 5.73 31.98 13.49
CA TYR B 32 5.77 31.05 12.37
C TYR B 32 5.75 29.55 12.65
N GLY B 33 5.39 29.16 13.87
CA GLY B 33 5.32 27.75 14.22
C GLY B 33 6.61 26.96 14.07
N THR B 34 7.74 27.68 14.03
CA THR B 34 9.05 27.08 13.89
C THR B 34 9.65 26.51 15.16
N SER B 35 9.17 25.34 15.54
CA SER B 35 9.66 24.66 16.73
C SER B 35 9.41 23.16 16.56
N VAL B 36 10.17 22.35 17.30
CA VAL B 36 10.00 20.91 17.28
C VAL B 36 9.98 20.49 18.73
N PHE B 37 9.18 19.48 19.05
CA PHE B 37 9.08 19.04 20.43
C PHE B 37 8.90 17.55 20.57
N GLU B 38 8.91 17.10 21.82
CA GLU B 38 8.74 15.69 22.13
C GLU B 38 7.85 15.55 23.35
N GLY B 39 7.35 14.33 23.52
CA GLY B 39 6.52 14.03 24.66
C GLY B 39 7.15 12.78 25.23
N ILE B 40 7.67 12.87 26.44
CA ILE B 40 8.32 11.72 27.07
C ILE B 40 7.71 11.50 28.43
N ARG B 41 7.69 10.25 28.89
CA ARG B 41 7.15 9.95 30.19
C ARG B 41 8.11 9.23 31.12
N CYS B 42 8.06 9.64 32.39
CA CYS B 42 8.88 9.06 33.43
C CYS B 42 7.89 8.32 34.32
N TYR B 43 8.12 7.02 34.51
CA TYR B 43 7.24 6.21 35.34
C TYR B 43 7.95 5.72 36.59
N ASP B 44 7.21 5.63 37.69
CA ASP B 44 7.77 5.12 38.93
C ASP B 44 7.66 3.62 38.73
N SER B 45 8.77 2.90 38.86
CA SER B 45 8.76 1.47 38.64
C SER B 45 9.40 0.69 39.78
N HIS B 46 9.59 -0.61 39.54
CA HIS B 46 10.22 -1.52 40.49
C HIS B 46 11.73 -1.20 40.62
N LYS B 47 12.25 -0.44 39.66
CA LYS B 47 13.65 -0.03 39.64
C LYS B 47 13.71 1.47 39.96
N GLY B 48 12.61 2.02 40.45
CA GLY B 48 12.54 3.43 40.76
C GLY B 48 12.14 4.22 39.52
N PRO B 49 12.20 5.57 39.56
CA PRO B 49 11.84 6.39 38.40
C PRO B 49 12.63 5.98 37.16
N VAL B 50 11.93 5.82 36.06
CA VAL B 50 12.56 5.41 34.81
C VAL B 50 11.90 6.12 33.62
N VAL B 51 12.71 6.63 32.70
CA VAL B 51 12.20 7.31 31.52
C VAL B 51 12.00 6.29 30.41
N PHE B 52 10.78 6.23 29.88
CA PHE B 52 10.42 5.26 28.83
C PHE B 52 10.95 5.64 27.45
N ARG B 53 11.72 4.74 26.87
CA ARG B 53 12.35 4.93 25.54
C ARG B 53 12.91 6.33 25.39
N HIS B 54 13.76 6.69 26.34
CA HIS B 54 14.42 7.98 26.42
C HIS B 54 15.24 8.36 25.19
N ARG B 55 16.22 7.54 24.84
CA ARG B 55 17.07 7.83 23.69
C ARG B 55 16.29 7.96 22.40
N GLU B 56 15.30 7.08 22.19
CA GLU B 56 14.48 7.11 20.98
C GLU B 56 13.76 8.45 20.78
N HIS B 57 13.28 9.04 21.86
CA HIS B 57 12.60 10.33 21.78
C HIS B 57 13.59 11.44 21.46
N MET B 58 14.75 11.41 22.11
CA MET B 58 15.77 12.44 21.87
C MET B 58 16.31 12.32 20.45
N GLN B 59 16.38 11.09 19.95
CA GLN B 59 16.86 10.86 18.61
C GLN B 59 15.85 11.43 17.61
N ARG B 60 14.56 11.33 17.94
CA ARG B 60 13.52 11.85 17.07
C ARG B 60 13.46 13.37 17.12
N LEU B 61 13.89 13.95 18.24
CA LEU B 61 13.92 15.41 18.37
C LEU B 61 14.97 15.93 17.40
N HIS B 62 16.10 15.23 17.32
CA HIS B 62 17.18 15.60 16.40
C HIS B 62 16.73 15.40 14.96
N ASP B 63 15.96 14.33 14.72
CA ASP B 63 15.47 14.03 13.38
C ASP B 63 14.47 15.05 12.87
N SER B 64 13.59 15.52 13.74
CA SER B 64 12.60 16.52 13.38
C SER B 64 13.27 17.84 13.05
N ALA B 65 14.27 18.22 13.84
CA ALA B 65 15.00 19.46 13.61
C ALA B 65 15.84 19.35 12.34
N LYS B 66 16.35 18.15 12.05
CA LYS B 66 17.16 17.92 10.88
C LYS B 66 16.38 18.15 9.59
N ILE B 67 15.13 17.70 9.57
CA ILE B 67 14.27 17.86 8.40
C ILE B 67 14.05 19.34 8.09
N TYR B 68 13.87 20.14 9.14
CA TYR B 68 13.67 21.58 8.96
C TYR B 68 14.96 22.37 8.96
N ARG B 69 16.06 21.67 9.20
CA ARG B 69 17.40 22.25 9.21
C ARG B 69 17.68 23.24 10.33
N PHE B 70 17.05 22.99 11.48
CA PHE B 70 17.25 23.82 12.67
C PHE B 70 18.54 23.33 13.31
N PRO B 71 19.49 24.24 13.56
CA PRO B 71 20.76 23.84 14.18
C PRO B 71 20.57 23.51 15.67
N VAL B 72 21.07 22.35 16.08
CA VAL B 72 20.99 21.91 17.48
C VAL B 72 22.41 21.77 18.04
N SER B 73 22.69 22.55 19.10
CA SER B 73 24.01 22.57 19.73
C SER B 73 24.26 21.33 20.59
N GLN B 74 23.24 20.90 21.31
CA GLN B 74 23.31 19.74 22.21
C GLN B 74 23.25 18.40 21.50
N SER B 75 24.02 17.44 22.02
CA SER B 75 24.05 16.09 21.46
C SER B 75 22.95 15.30 22.18
N ILE B 76 22.64 14.11 21.67
CA ILE B 76 21.61 13.28 22.26
C ILE B 76 21.91 12.95 23.72
N ASP B 77 23.19 12.71 24.03
CA ASP B 77 23.59 12.39 25.39
C ASP B 77 23.46 13.58 26.33
N GLU B 78 23.77 14.77 25.83
CA GLU B 78 23.64 15.98 26.62
C GLU B 78 22.18 16.20 27.00
N LEU B 79 21.31 16.05 26.02
CA LEU B 79 19.86 16.21 26.20
C LEU B 79 19.31 15.20 27.17
N MET B 80 19.84 13.98 27.13
CA MET B 80 19.39 12.92 28.02
C MET B 80 19.80 13.19 29.44
N GLU B 81 21.02 13.70 29.62
CA GLU B 81 21.53 14.02 30.95
C GLU B 81 20.75 15.18 31.54
N ALA B 82 20.42 16.15 30.69
CA ALA B 82 19.65 17.33 31.09
C ALA B 82 18.25 16.93 31.53
N CYS B 83 17.66 15.97 30.82
CA CYS B 83 16.33 15.48 31.12
C CYS B 83 16.32 14.84 32.51
N ARG B 84 17.28 13.95 32.76
CA ARG B 84 17.37 13.30 34.06
C ARG B 84 17.54 14.34 35.15
N ASP B 85 18.37 15.35 34.87
CA ASP B 85 18.63 16.44 35.81
C ASP B 85 17.33 17.13 36.22
N VAL B 86 16.50 17.45 35.24
CA VAL B 86 15.22 18.14 35.51
C VAL B 86 14.31 17.35 36.45
N ILE B 87 14.28 16.03 36.26
CA ILE B 87 13.45 15.17 37.08
C ILE B 87 13.96 15.10 38.52
N ARG B 88 15.27 14.92 38.70
CA ARG B 88 15.85 14.87 40.04
C ARG B 88 15.64 16.21 40.73
N LYS B 89 16.05 17.26 40.03
CA LYS B 89 15.97 18.64 40.48
C LYS B 89 14.60 19.04 41.01
N ASN B 90 13.56 18.53 40.37
CA ASN B 90 12.19 18.83 40.76
C ASN B 90 11.58 17.79 41.69
N ASN B 91 12.38 16.79 42.06
CA ASN B 91 11.92 15.73 42.96
C ASN B 91 10.71 14.95 42.43
N LEU B 92 10.74 14.67 41.14
CA LEU B 92 9.65 13.94 40.51
C LEU B 92 9.98 12.45 40.40
N THR B 93 8.99 11.61 40.70
CA THR B 93 9.12 10.16 40.62
C THR B 93 8.46 9.71 39.33
N SER B 94 7.40 10.41 38.96
CA SER B 94 6.68 10.15 37.71
C SER B 94 6.29 11.52 37.16
N ALA B 95 6.41 11.68 35.84
CA ALA B 95 6.07 12.95 35.23
C ALA B 95 6.05 12.87 33.71
N TYR B 96 5.66 13.98 33.10
CA TYR B 96 5.60 14.12 31.66
C TYR B 96 6.68 15.13 31.34
N ILE B 97 7.64 14.73 30.50
CA ILE B 97 8.73 15.62 30.12
C ILE B 97 8.45 16.22 28.75
N ARG B 98 8.78 17.49 28.59
CA ARG B 98 8.54 18.19 27.34
C ARG B 98 9.73 18.97 26.78
N PRO B 99 10.53 18.32 25.92
CA PRO B 99 11.71 18.92 25.28
C PRO B 99 11.17 19.80 24.14
N LEU B 100 11.71 21.01 24.02
CA LEU B 100 11.25 21.92 22.99
C LEU B 100 12.40 22.73 22.43
N ILE B 101 12.64 22.59 21.12
CA ILE B 101 13.69 23.33 20.44
C ILE B 101 12.94 24.31 19.54
N PHE B 102 13.27 25.59 19.66
CA PHE B 102 12.58 26.59 18.86
C PHE B 102 13.46 27.72 18.39
N VAL B 103 13.04 28.36 17.31
CA VAL B 103 13.77 29.49 16.76
C VAL B 103 13.34 30.70 17.57
N GLY B 104 14.30 31.28 18.31
CA GLY B 104 14.00 32.42 19.18
C GLY B 104 14.02 33.80 18.57
N ASP B 105 14.42 34.77 19.38
CA ASP B 105 14.47 36.17 18.98
C ASP B 105 15.50 36.45 17.90
N VAL B 106 15.14 36.13 16.68
CA VAL B 106 15.98 36.34 15.52
C VAL B 106 15.18 37.33 14.67
N GLY B 107 15.54 37.57 13.41
CA GLY B 107 14.75 38.51 12.62
C GLY B 107 13.28 38.14 12.44
N MET B 108 12.56 38.93 11.65
CA MET B 108 11.15 38.65 11.38
C MET B 108 10.96 38.03 10.00
N GLY B 109 12.05 37.79 9.31
CA GLY B 109 11.98 37.18 8.00
C GLY B 109 11.68 35.72 8.22
N VAL B 110 10.91 35.10 7.33
CA VAL B 110 10.55 33.70 7.47
C VAL B 110 11.75 32.78 7.61
N ASN B 111 12.78 33.06 6.82
CA ASN B 111 14.01 32.27 6.85
C ASN B 111 14.97 32.94 7.81
N PRO B 112 15.34 32.26 8.90
CA PRO B 112 16.27 32.84 9.88
C PRO B 112 17.63 33.10 9.22
N PRO B 113 18.34 34.14 9.68
CA PRO B 113 19.65 34.50 9.11
C PRO B 113 20.70 33.43 9.41
N ALA B 114 21.59 33.22 8.44
CA ALA B 114 22.67 32.25 8.56
C ALA B 114 23.47 32.47 9.83
N GLY B 115 23.87 31.37 10.48
CA GLY B 115 24.65 31.47 11.69
C GLY B 115 23.83 31.59 12.97
N TYR B 116 22.51 31.54 12.85
CA TYR B 116 21.65 31.64 14.04
C TYR B 116 21.69 30.30 14.77
N SER B 117 21.19 30.29 16.00
CA SER B 117 21.14 29.05 16.78
C SER B 117 19.78 28.99 17.46
N THR B 118 19.35 27.79 17.82
CA THR B 118 18.05 27.60 18.44
C THR B 118 18.10 27.59 19.97
N ASP B 119 16.96 27.86 20.59
CA ASP B 119 16.83 27.83 22.05
C ASP B 119 16.25 26.48 22.39
N VAL B 120 16.74 25.87 23.46
CA VAL B 120 16.25 24.57 23.89
C VAL B 120 15.67 24.65 25.29
N ILE B 121 14.59 23.93 25.52
CA ILE B 121 13.89 23.93 26.80
C ILE B 121 13.44 22.53 27.16
N ILE B 122 13.58 22.16 28.44
CA ILE B 122 13.13 20.85 28.89
C ILE B 122 12.38 21.07 30.19
N ALA B 123 11.07 20.83 30.16
CA ALA B 123 10.22 21.00 31.33
C ALA B 123 9.59 19.69 31.72
N ALA B 124 9.53 19.42 33.02
CA ALA B 124 8.92 18.19 33.53
C ALA B 124 7.87 18.58 34.54
N PHE B 125 6.79 17.80 34.59
CA PHE B 125 5.69 18.07 35.50
C PHE B 125 4.75 16.88 35.54
N PRO B 126 4.00 16.69 36.64
CA PRO B 126 3.06 15.56 36.71
C PRO B 126 1.91 15.78 35.74
N TRP B 127 1.48 14.72 35.06
CA TRP B 127 0.37 14.82 34.12
C TRP B 127 -0.37 13.48 34.03
N GLY B 128 -1.67 13.51 34.31
CA GLY B 128 -2.47 12.30 34.28
C GLY B 128 -2.78 11.78 32.88
N ALA B 129 -3.81 10.94 32.76
CA ALA B 129 -4.19 10.37 31.46
C ALA B 129 -4.77 11.45 30.57
N TYR B 130 -4.22 11.56 29.36
CA TYR B 130 -4.66 12.57 28.39
C TYR B 130 -6.16 12.54 28.09
N LEU B 131 -6.69 11.36 27.80
CA LEU B 131 -8.10 11.23 27.46
C LEU B 131 -9.05 11.02 28.65
N GLY B 132 -8.52 11.08 29.87
CA GLY B 132 -9.35 10.91 31.06
C GLY B 132 -8.89 9.84 32.03
N ALA B 133 -9.24 10.02 33.30
CA ALA B 133 -8.88 9.09 34.36
C ALA B 133 -9.36 7.65 34.10
N GLU B 134 -10.66 7.53 33.77
CA GLU B 134 -11.29 6.24 33.51
C GLU B 134 -11.16 5.76 32.07
N ALA B 135 -10.48 6.54 31.22
CA ALA B 135 -10.33 6.22 29.81
C ALA B 135 -9.57 4.92 29.51
N LEU B 136 -8.54 4.64 30.29
CA LEU B 136 -7.73 3.44 30.08
C LEU B 136 -8.50 2.15 30.37
N GLU B 137 -9.44 2.26 31.29
CA GLU B 137 -10.25 1.12 31.73
C GLU B 137 -11.54 0.95 30.94
N GLN B 138 -12.34 2.01 30.84
CA GLN B 138 -13.61 1.95 30.14
C GLN B 138 -13.58 2.26 28.64
N GLY B 139 -12.58 3.01 28.19
CA GLY B 139 -12.51 3.37 26.79
C GLY B 139 -13.16 4.71 26.51
N ILE B 140 -13.03 5.21 25.28
CA ILE B 140 -13.60 6.49 24.92
C ILE B 140 -14.50 6.41 23.68
N ASP B 141 -15.25 7.47 23.44
CA ASP B 141 -16.12 7.56 22.28
C ASP B 141 -15.45 8.48 21.28
N ALA B 142 -15.11 7.94 20.12
CA ALA B 142 -14.46 8.73 19.07
C ALA B 142 -15.37 9.11 17.91
N MET B 143 -14.96 10.12 17.17
CA MET B 143 -15.72 10.62 16.03
C MET B 143 -14.78 10.87 14.86
N VAL B 144 -15.18 10.49 13.65
CA VAL B 144 -14.36 10.75 12.48
C VAL B 144 -14.58 12.21 12.12
N SER B 145 -13.50 12.98 12.11
CA SER B 145 -13.53 14.39 11.82
C SER B 145 -13.76 14.72 10.35
N SER B 146 -14.29 15.93 10.14
CA SER B 146 -14.55 16.43 8.80
C SER B 146 -13.30 17.11 8.24
N TRP B 147 -12.26 17.25 9.07
CA TRP B 147 -10.99 17.84 8.67
C TRP B 147 -9.99 16.72 8.40
N ASN B 148 -9.23 16.85 7.32
CA ASN B 148 -8.24 15.84 6.96
C ASN B 148 -6.84 16.22 7.39
N ARG B 149 -5.97 15.22 7.52
CA ARG B 149 -4.60 15.47 7.89
C ARG B 149 -3.75 15.83 6.67
N ALA B 150 -2.68 16.56 6.92
CA ALA B 150 -1.75 17.03 5.90
C ALA B 150 -1.40 16.06 4.78
N ALA B 151 -1.40 16.56 3.56
CA ALA B 151 -1.05 15.77 2.39
C ALA B 151 0.44 15.43 2.44
N PRO B 152 0.84 14.31 1.83
CA PRO B 152 2.21 13.78 1.76
C PRO B 152 3.41 14.70 1.56
N ASN B 153 3.42 15.54 0.53
CA ASN B 153 4.60 16.38 0.29
C ASN B 153 4.35 17.87 0.53
N THR B 154 3.68 18.17 1.63
CA THR B 154 3.38 19.56 1.98
C THR B 154 4.14 19.94 3.24
N ILE B 155 3.68 19.44 4.37
CA ILE B 155 4.31 19.71 5.65
C ILE B 155 4.55 18.30 6.18
N PRO B 156 5.82 17.85 6.16
CA PRO B 156 6.26 16.52 6.62
C PRO B 156 5.61 16.07 7.92
N THR B 157 4.84 14.99 7.84
CA THR B 157 4.15 14.46 9.01
C THR B 157 5.05 13.60 9.88
N ALA B 158 6.23 13.25 9.38
CA ALA B 158 7.18 12.43 10.14
C ALA B 158 7.90 13.27 11.20
N ALA B 159 7.85 14.59 11.04
CA ALA B 159 8.47 15.50 11.99
C ALA B 159 7.44 15.94 13.03
N LYS B 160 7.82 15.93 14.30
CA LYS B 160 6.92 16.34 15.36
C LYS B 160 7.19 17.83 15.60
N ALA B 161 6.65 18.69 14.73
CA ALA B 161 6.84 20.12 14.82
C ALA B 161 5.61 20.88 15.32
N GLY B 162 5.84 22.04 15.91
CA GLY B 162 4.76 22.85 16.45
C GLY B 162 3.65 23.23 15.49
N GLY B 163 4.03 23.80 14.35
CA GLY B 163 3.04 24.21 13.37
C GLY B 163 2.05 23.14 12.93
N ASN B 164 2.45 21.87 13.03
CA ASN B 164 1.58 20.75 12.65
C ASN B 164 0.30 20.71 13.46
N TYR B 165 0.40 21.14 14.71
CA TYR B 165 -0.72 21.10 15.62
C TYR B 165 -1.97 21.93 15.40
N LEU B 166 -1.97 22.75 14.35
CA LEU B 166 -3.16 23.52 14.05
C LEU B 166 -4.19 22.50 13.55
N SER B 167 -3.69 21.47 12.88
CA SER B 167 -4.50 20.37 12.37
C SER B 167 -5.13 19.57 13.51
N SER B 168 -4.29 19.19 14.48
CA SER B 168 -4.73 18.43 15.64
C SER B 168 -5.77 19.22 16.45
N LEU B 169 -5.60 20.54 16.48
CA LEU B 169 -6.54 21.40 17.20
C LEU B 169 -7.91 21.31 16.53
N LEU B 170 -7.93 21.44 15.21
CA LEU B 170 -9.18 21.36 14.46
C LEU B 170 -9.89 20.02 14.59
N VAL B 171 -9.13 18.94 14.43
CA VAL B 171 -9.66 17.59 14.53
C VAL B 171 -10.21 17.29 15.92
N GLY B 172 -9.39 17.54 16.93
CA GLY B 172 -9.77 17.28 18.30
C GLY B 172 -10.88 18.14 18.87
N SER B 173 -10.88 19.43 18.56
CA SER B 173 -11.90 20.33 19.08
C SER B 173 -13.27 20.00 18.51
N GLU B 174 -13.31 19.59 17.26
CA GLU B 174 -14.57 19.25 16.62
C GLU B 174 -15.24 18.07 17.32
N ALA B 175 -14.44 17.08 17.69
CA ALA B 175 -14.95 15.90 18.38
C ALA B 175 -15.50 16.26 19.75
N ARG B 176 -14.72 17.04 20.50
CA ARG B 176 -15.10 17.47 21.84
C ARG B 176 -16.31 18.41 21.85
N ARG B 177 -16.49 19.17 20.77
CA ARG B 177 -17.62 20.09 20.66
C ARG B 177 -18.93 19.31 20.50
N HIS B 178 -18.82 18.09 19.97
CA HIS B 178 -19.99 17.25 19.75
C HIS B 178 -20.20 16.14 20.79
N GLY B 179 -19.53 16.25 21.93
CA GLY B 179 -19.69 15.26 22.98
C GLY B 179 -18.77 14.06 22.96
N TYR B 180 -17.84 13.99 22.00
CA TYR B 180 -16.91 12.87 21.93
C TYR B 180 -15.62 13.21 22.66
N GLN B 181 -14.83 12.19 23.01
CA GLN B 181 -13.57 12.38 23.71
C GLN B 181 -12.37 12.66 22.81
N GLU B 182 -12.40 12.13 21.60
CA GLU B 182 -11.31 12.36 20.66
C GLU B 182 -11.79 12.21 19.24
N GLY B 183 -11.07 12.84 18.31
CA GLY B 183 -11.41 12.77 16.91
C GLY B 183 -10.41 11.96 16.11
N ILE B 184 -10.91 11.25 15.11
CA ILE B 184 -10.08 10.43 14.23
C ILE B 184 -10.05 11.11 12.87
N ALA B 185 -8.85 11.37 12.36
CA ALA B 185 -8.71 12.03 11.07
C ALA B 185 -8.41 11.07 9.93
N LEU B 186 -8.94 11.39 8.76
CA LEU B 186 -8.69 10.62 7.55
C LEU B 186 -7.65 11.42 6.78
N ASP B 187 -6.92 10.79 5.88
CA ASP B 187 -5.94 11.54 5.10
C ASP B 187 -6.68 12.11 3.88
N VAL B 188 -5.97 12.79 2.99
CA VAL B 188 -6.59 13.40 1.81
C VAL B 188 -7.20 12.42 0.81
N ASN B 189 -6.81 11.14 0.92
CA ASN B 189 -7.31 10.10 0.04
C ASN B 189 -8.59 9.48 0.58
N GLY B 190 -8.90 9.73 1.85
CA GLY B 190 -10.10 9.17 2.44
C GLY B 190 -9.84 7.93 3.27
N TYR B 191 -8.58 7.65 3.59
CA TYR B 191 -8.22 6.48 4.40
C TYR B 191 -7.92 6.95 5.81
N ILE B 192 -7.94 6.04 6.77
CA ILE B 192 -7.66 6.38 8.16
C ILE B 192 -6.20 6.77 8.35
N SER B 193 -5.99 7.90 9.01
CA SER B 193 -4.64 8.39 9.29
C SER B 193 -4.31 8.07 10.75
N GLU B 194 -4.96 8.77 11.66
CA GLU B 194 -4.76 8.58 13.10
C GLU B 194 -5.65 9.55 13.87
N GLY B 195 -5.60 9.48 15.19
CA GLY B 195 -6.37 10.40 16.01
C GLY B 195 -5.69 11.76 15.99
N ALA B 196 -6.30 12.75 16.62
CA ALA B 196 -5.74 14.10 16.65
C ALA B 196 -4.29 14.13 17.15
N GLY B 197 -3.97 13.30 18.14
CA GLY B 197 -2.62 13.27 18.68
C GLY B 197 -2.21 11.91 19.19
N GLU B 198 -2.73 10.86 18.54
CA GLU B 198 -2.41 9.50 18.92
C GLU B 198 -2.61 8.54 17.74
N ASN B 199 -1.78 7.51 17.66
CA ASN B 199 -1.89 6.53 16.60
C ASN B 199 -3.12 5.65 16.78
N LEU B 200 -3.56 5.04 15.69
CA LEU B 200 -4.76 4.21 15.69
C LEU B 200 -4.49 2.76 15.35
N PHE B 201 -5.08 1.86 16.14
CA PHE B 201 -4.93 0.42 15.93
C PHE B 201 -6.31 -0.21 15.86
N GLU B 202 -6.42 -1.28 15.08
CA GLU B 202 -7.66 -2.04 14.94
C GLU B 202 -7.35 -3.51 15.11
N VAL B 203 -8.28 -4.24 15.72
CA VAL B 203 -8.11 -5.67 15.90
C VAL B 203 -9.26 -6.34 15.17
N LYS B 204 -8.93 -7.28 14.29
CA LYS B 204 -9.94 -8.00 13.50
C LYS B 204 -9.51 -9.45 13.37
N ASP B 205 -10.30 -10.36 13.93
CA ASP B 205 -10.03 -11.80 13.90
C ASP B 205 -8.68 -12.15 14.51
N GLY B 206 -8.35 -11.50 15.62
CA GLY B 206 -7.10 -11.75 16.32
C GLY B 206 -5.87 -11.10 15.70
N VAL B 207 -6.05 -10.32 14.63
CA VAL B 207 -4.93 -9.64 13.96
C VAL B 207 -4.92 -8.14 14.22
N LEU B 208 -3.72 -7.60 14.47
CA LEU B 208 -3.53 -6.18 14.72
C LEU B 208 -3.29 -5.42 13.43
N PHE B 209 -3.97 -4.29 13.26
CA PHE B 209 -3.83 -3.47 12.06
C PHE B 209 -3.50 -2.02 12.42
N THR B 210 -2.63 -1.40 11.62
CA THR B 210 -2.25 0.00 11.84
C THR B 210 -1.89 0.62 10.49
N PRO B 211 -2.26 1.89 10.28
CA PRO B 211 -1.94 2.59 9.04
C PRO B 211 -0.45 2.84 8.95
N PRO B 212 0.13 2.78 7.74
CA PRO B 212 1.57 3.03 7.58
C PRO B 212 1.83 4.54 7.70
N PHE B 213 3.10 4.94 7.76
CA PHE B 213 3.45 6.37 7.88
C PHE B 213 2.97 7.17 6.69
N THR B 214 2.85 6.51 5.55
CA THR B 214 2.40 7.14 4.32
C THR B 214 0.92 7.56 4.36
N SER B 215 0.22 7.22 5.43
CA SER B 215 -1.16 7.63 5.59
C SER B 215 -1.18 8.88 6.46
N SER B 216 -0.11 9.66 6.37
CA SER B 216 0.04 10.90 7.12
C SER B 216 0.04 10.68 8.63
N ALA B 217 0.49 9.50 9.05
CA ALA B 217 0.56 9.14 10.46
C ALA B 217 1.99 9.28 10.96
N LEU B 218 2.15 9.96 12.09
CA LEU B 218 3.46 10.16 12.68
C LEU B 218 3.99 8.83 13.22
N PRO B 219 5.29 8.56 13.04
CA PRO B 219 5.95 7.33 13.49
C PRO B 219 6.00 7.28 15.01
N GLY B 220 4.88 6.92 15.63
CA GLY B 220 4.81 6.85 17.08
C GLY B 220 5.75 5.86 17.71
N ILE B 221 6.35 6.28 18.83
CA ILE B 221 7.27 5.42 19.56
C ILE B 221 6.48 4.44 20.42
N THR B 222 5.27 4.84 20.81
CA THR B 222 4.40 3.97 21.59
C THR B 222 3.87 2.95 20.58
N ARG B 223 3.58 3.44 19.38
CA ARG B 223 3.10 2.63 18.27
C ARG B 223 4.12 1.53 17.98
N ASP B 224 5.39 1.92 17.94
CA ASP B 224 6.50 1.00 17.67
C ASP B 224 6.68 -0.02 18.79
N ALA B 225 6.44 0.42 20.03
CA ALA B 225 6.57 -0.45 21.19
C ALA B 225 5.48 -1.51 21.18
N ILE B 226 4.26 -1.09 20.86
CA ILE B 226 3.12 -2.00 20.80
C ILE B 226 3.31 -3.06 19.75
N ILE B 227 3.85 -2.67 18.60
CA ILE B 227 4.10 -3.60 17.51
C ILE B 227 5.11 -4.67 17.93
N LYS B 228 6.12 -4.26 18.67
CA LYS B 228 7.15 -5.19 19.16
C LYS B 228 6.64 -6.08 20.28
N LEU B 229 5.82 -5.53 21.17
CA LEU B 229 5.26 -6.31 22.25
C LEU B 229 4.30 -7.35 21.69
N ALA B 230 3.50 -6.93 20.70
CA ALA B 230 2.53 -7.81 20.07
C ALA B 230 3.22 -9.02 19.46
N LYS B 231 4.36 -8.79 18.83
CA LYS B 231 5.12 -9.88 18.21
C LYS B 231 5.66 -10.85 19.26
N GLU B 232 5.92 -10.36 20.46
CA GLU B 232 6.41 -11.20 21.54
C GLU B 232 5.28 -12.07 22.08
N LEU B 233 4.06 -11.55 22.02
CA LEU B 233 2.87 -12.26 22.48
C LEU B 233 2.33 -13.23 21.43
N GLY B 234 2.96 -13.24 20.25
CA GLY B 234 2.50 -14.12 19.19
C GLY B 234 1.26 -13.59 18.47
N ILE B 235 1.12 -12.27 18.42
CA ILE B 235 -0.02 -11.63 17.74
C ILE B 235 0.45 -11.13 16.38
N GLU B 236 -0.29 -11.47 15.32
CA GLU B 236 0.09 -11.03 13.99
C GLU B 236 -0.18 -9.54 13.82
N VAL B 237 0.79 -8.84 13.24
CA VAL B 237 0.65 -7.41 13.02
C VAL B 237 0.70 -7.12 11.53
N ARG B 238 -0.23 -6.29 11.07
CA ARG B 238 -0.31 -5.91 9.67
C ARG B 238 -0.36 -4.41 9.55
N GLU B 239 0.64 -3.86 8.89
CA GLU B 239 0.75 -2.43 8.69
C GLU B 239 0.25 -2.18 7.27
N GLN B 240 -0.99 -1.69 7.17
CA GLN B 240 -1.58 -1.43 5.88
C GLN B 240 -2.58 -0.30 5.90
N VAL B 241 -2.94 0.17 4.72
CA VAL B 241 -3.91 1.25 4.57
C VAL B 241 -5.28 0.71 5.00
N LEU B 242 -6.03 1.51 5.75
CA LEU B 242 -7.34 1.11 6.25
C LEU B 242 -8.44 2.06 5.80
N SER B 243 -9.57 1.50 5.40
CA SER B 243 -10.70 2.30 4.94
C SER B 243 -11.48 2.81 6.14
N ARG B 244 -12.33 3.81 5.92
CA ARG B 244 -13.12 4.38 7.01
C ARG B 244 -14.06 3.35 7.63
N GLU B 245 -14.71 2.57 6.78
CA GLU B 245 -15.67 1.54 7.22
C GLU B 245 -15.07 0.51 8.16
N SER B 246 -13.77 0.26 8.03
CA SER B 246 -13.09 -0.72 8.87
C SER B 246 -13.28 -0.46 10.36
N LEU B 247 -13.51 0.79 10.73
CA LEU B 247 -13.71 1.17 12.12
C LEU B 247 -15.01 0.62 12.68
N TYR B 248 -15.98 0.39 11.80
CA TYR B 248 -17.28 -0.13 12.23
C TYR B 248 -17.30 -1.65 12.21
N LEU B 249 -16.39 -2.25 11.44
CA LEU B 249 -16.32 -3.71 11.31
C LEU B 249 -15.26 -4.37 12.21
N ALA B 250 -14.40 -3.57 12.83
CA ALA B 250 -13.35 -4.11 13.67
C ALA B 250 -13.86 -4.62 15.01
N ASP B 251 -13.23 -5.68 15.50
CA ASP B 251 -13.60 -6.28 16.79
C ASP B 251 -13.17 -5.36 17.92
N GLU B 252 -12.03 -4.71 17.76
CA GLU B 252 -11.52 -3.78 18.77
C GLU B 252 -10.79 -2.64 18.07
N VAL B 253 -10.65 -1.52 18.76
CA VAL B 253 -9.93 -0.38 18.23
C VAL B 253 -9.39 0.43 19.40
N PHE B 254 -8.13 0.84 19.31
CA PHE B 254 -7.54 1.63 20.38
C PHE B 254 -6.52 2.63 19.86
N MET B 255 -6.19 3.60 20.69
CA MET B 255 -5.22 4.64 20.33
C MET B 255 -3.97 4.55 21.21
N SER B 256 -2.85 4.98 20.66
CA SER B 256 -1.59 4.97 21.40
C SER B 256 -0.86 6.29 21.28
N GLY B 257 -0.08 6.61 22.32
CA GLY B 257 0.69 7.84 22.34
C GLY B 257 1.39 7.94 23.69
N THR B 258 2.35 8.84 23.80
CA THR B 258 3.06 9.00 25.07
C THR B 258 2.08 9.48 26.14
N ALA B 259 1.38 10.58 25.86
CA ALA B 259 0.40 11.15 26.78
C ALA B 259 -0.85 10.30 26.92
N ALA B 260 -1.31 9.72 25.81
CA ALA B 260 -2.51 8.90 25.82
C ALA B 260 -2.26 7.44 26.21
N GLU B 261 -0.99 7.04 26.22
CA GLU B 261 -0.61 5.67 26.54
C GLU B 261 -1.41 4.72 25.66
N ILE B 262 -2.20 3.82 26.24
CA ILE B 262 -2.99 2.90 25.43
C ILE B 262 -4.45 2.99 25.84
N THR B 263 -5.21 3.80 25.08
CA THR B 263 -6.63 4.04 25.34
C THR B 263 -7.57 3.29 24.40
N PRO B 264 -8.47 2.47 24.95
CA PRO B 264 -9.42 1.71 24.14
C PRO B 264 -10.49 2.65 23.61
N VAL B 265 -11.02 2.33 22.43
CA VAL B 265 -12.08 3.12 21.81
C VAL B 265 -13.31 2.22 21.80
N ARG B 266 -14.30 2.55 22.62
CA ARG B 266 -15.52 1.74 22.71
C ARG B 266 -16.57 2.00 21.64
N SER B 267 -16.47 3.14 20.95
CA SER B 267 -17.42 3.47 19.90
C SER B 267 -16.87 4.52 18.95
N VAL B 268 -17.31 4.44 17.70
CA VAL B 268 -16.89 5.40 16.68
C VAL B 268 -18.14 5.89 15.98
N ASP B 269 -18.34 7.20 15.98
CA ASP B 269 -19.51 7.82 15.35
C ASP B 269 -20.84 7.30 15.89
N GLY B 270 -20.86 6.91 17.17
CA GLY B 270 -22.09 6.42 17.74
C GLY B 270 -22.30 4.93 17.53
N ILE B 271 -21.44 4.31 16.73
CA ILE B 271 -21.53 2.88 16.47
C ILE B 271 -20.58 2.15 17.42
N GLN B 272 -21.15 1.30 18.26
CA GLN B 272 -20.39 0.55 19.25
C GLN B 272 -19.37 -0.41 18.64
N VAL B 273 -18.19 -0.48 19.24
CA VAL B 273 -17.13 -1.38 18.78
C VAL B 273 -17.19 -2.65 19.61
N GLY B 274 -17.48 -3.76 18.95
CA GLY B 274 -17.56 -5.05 19.63
C GLY B 274 -18.53 -5.02 20.79
N GLU B 275 -18.02 -5.26 22.00
CA GLU B 275 -18.84 -5.30 23.22
C GLU B 275 -19.01 -3.95 23.90
N GLY B 276 -18.39 -2.91 23.36
CA GLY B 276 -18.51 -1.59 23.96
C GLY B 276 -17.68 -1.41 25.21
N ARG B 277 -16.74 -2.33 25.42
CA ARG B 277 -15.84 -2.31 26.56
C ARG B 277 -14.43 -2.55 26.01
N CYS B 278 -13.42 -2.51 26.88
CA CYS B 278 -12.07 -2.77 26.44
C CYS B 278 -12.00 -4.22 25.96
N GLY B 279 -11.46 -4.42 24.76
CA GLY B 279 -11.37 -5.74 24.19
C GLY B 279 -10.27 -6.62 24.76
N PRO B 280 -10.33 -7.94 24.52
CA PRO B 280 -9.35 -8.92 25.00
C PRO B 280 -7.91 -8.71 24.53
N VAL B 281 -7.72 -8.43 23.24
CA VAL B 281 -6.37 -8.20 22.72
C VAL B 281 -5.81 -6.89 23.24
N THR B 282 -6.65 -5.86 23.33
CA THR B 282 -6.21 -4.55 23.84
C THR B 282 -5.77 -4.76 25.28
N LYS B 283 -6.51 -5.56 26.02
CA LYS B 283 -6.20 -5.86 27.42
C LYS B 283 -4.84 -6.54 27.53
N ARG B 284 -4.61 -7.60 26.75
CA ARG B 284 -3.33 -8.31 26.79
C ARG B 284 -2.19 -7.34 26.57
N ILE B 285 -2.35 -6.46 25.59
CA ILE B 285 -1.34 -5.46 25.25
C ILE B 285 -1.12 -4.45 26.37
N GLN B 286 -2.21 -3.99 27.01
CA GLN B 286 -2.08 -3.04 28.11
C GLN B 286 -1.31 -3.68 29.25
N GLN B 287 -1.69 -4.91 29.59
CA GLN B 287 -1.04 -5.67 30.65
C GLN B 287 0.46 -5.83 30.39
N ALA B 288 0.80 -6.18 29.15
CA ALA B 288 2.19 -6.36 28.76
C ALA B 288 2.97 -5.05 28.81
N PHE B 289 2.30 -3.95 28.44
CA PHE B 289 2.92 -2.64 28.42
C PHE B 289 3.21 -2.14 29.84
N PHE B 290 2.18 -2.10 30.68
CA PHE B 290 2.34 -1.63 32.05
C PHE B 290 3.14 -2.60 32.90
N GLY B 291 3.27 -3.84 32.42
CA GLY B 291 4.02 -4.85 33.13
C GLY B 291 5.52 -4.52 33.15
N LEU B 292 5.95 -3.68 32.21
CA LEU B 292 7.35 -3.26 32.13
C LEU B 292 7.75 -2.49 33.38
N PHE B 293 6.80 -1.81 34.00
CA PHE B 293 7.06 -1.01 35.19
C PHE B 293 6.86 -1.76 36.49
N THR B 294 6.44 -3.02 36.38
CA THR B 294 6.23 -3.88 37.55
C THR B 294 7.28 -4.98 37.57
N GLY B 295 7.86 -5.26 36.40
CA GLY B 295 8.86 -6.31 36.30
C GLY B 295 8.27 -7.58 35.73
N GLU B 296 6.95 -7.61 35.55
CA GLU B 296 6.28 -8.78 35.00
C GLU B 296 6.69 -9.00 33.55
N THR B 297 6.90 -7.89 32.84
CA THR B 297 7.33 -7.96 31.45
C THR B 297 8.82 -7.66 31.42
N GLU B 298 9.60 -8.57 30.87
CA GLU B 298 11.03 -8.38 30.80
C GLU B 298 11.38 -7.32 29.77
N ASP B 299 12.22 -6.36 30.18
CA ASP B 299 12.66 -5.32 29.28
C ASP B 299 13.78 -5.86 28.40
N LYS B 300 13.41 -6.58 27.34
CA LYS B 300 14.39 -7.17 26.44
C LYS B 300 15.06 -6.19 25.48
N TRP B 301 14.50 -4.99 25.33
CA TRP B 301 15.06 -4.03 24.40
C TRP B 301 15.79 -2.86 25.03
N GLY B 302 15.75 -2.75 26.35
CA GLY B 302 16.42 -1.64 27.02
C GLY B 302 15.65 -0.35 26.85
N TRP B 303 14.33 -0.44 27.04
CA TRP B 303 13.46 0.72 26.92
C TRP B 303 13.40 1.55 28.20
N LEU B 304 13.82 0.96 29.31
CA LEU B 304 13.80 1.66 30.59
C LEU B 304 15.15 2.30 30.94
N ASP B 305 15.16 3.62 31.01
CA ASP B 305 16.37 4.37 31.32
C ASP B 305 16.26 4.93 32.73
N GLN B 306 17.11 4.44 33.62
CA GLN B 306 17.10 4.88 35.01
C GLN B 306 17.52 6.31 35.23
N VAL B 307 16.71 7.03 35.98
CA VAL B 307 16.98 8.42 36.30
C VAL B 307 18.04 8.49 37.40
N ASN B 308 17.98 7.53 38.33
CA ASN B 308 18.86 7.43 39.49
C ASN B 308 18.32 8.36 40.57
N LYS C 5 -37.42 -18.25 -10.92
CA LYS C 5 -38.67 -18.24 -10.11
C LYS C 5 -38.90 -19.53 -9.30
N ALA C 6 -39.59 -19.38 -8.16
CA ALA C 6 -39.92 -20.49 -7.27
C ALA C 6 -41.34 -20.27 -6.71
N ASP C 7 -41.76 -21.10 -5.76
CA ASP C 7 -43.11 -21.00 -5.20
C ASP C 7 -43.34 -20.05 -4.02
N TYR C 8 -42.41 -20.00 -3.08
CA TYR C 8 -42.56 -19.12 -1.91
C TYR C 8 -41.37 -18.24 -1.66
N ILE C 9 -41.62 -17.17 -0.92
CA ILE C 9 -40.60 -16.20 -0.55
C ILE C 9 -40.83 -15.83 0.92
N TRP C 10 -39.77 -15.83 1.70
CA TRP C 10 -39.85 -15.47 3.10
C TRP C 10 -39.95 -13.95 3.15
N PHE C 11 -41.05 -13.44 3.70
CA PHE C 11 -41.31 -12.01 3.78
C PHE C 11 -41.70 -11.62 5.19
N ASN C 12 -40.79 -10.96 5.89
CA ASN C 12 -41.01 -10.52 7.27
C ASN C 12 -41.45 -11.61 8.24
N GLY C 13 -40.85 -12.79 8.12
CA GLY C 13 -41.20 -13.87 9.02
C GLY C 13 -42.17 -14.91 8.53
N GLU C 14 -42.92 -14.63 7.47
CA GLU C 14 -43.90 -15.58 6.96
C GLU C 14 -43.67 -15.98 5.51
N MET C 15 -43.97 -17.24 5.19
CA MET C 15 -43.82 -17.77 3.84
C MET C 15 -44.99 -17.25 3.01
N VAL C 16 -44.67 -16.48 1.98
CA VAL C 16 -45.68 -15.90 1.11
C VAL C 16 -45.51 -16.50 -0.28
N ARG C 17 -46.60 -16.64 -1.03
CA ARG C 17 -46.50 -17.19 -2.38
C ARG C 17 -45.78 -16.15 -3.20
N TRP C 18 -44.91 -16.61 -4.08
CA TRP C 18 -44.10 -15.74 -4.93
C TRP C 18 -44.89 -14.57 -5.50
N GLU C 19 -46.00 -14.88 -6.17
CA GLU C 19 -46.85 -13.89 -6.81
C GLU C 19 -47.39 -12.79 -5.89
N ASP C 20 -47.53 -13.09 -4.60
CA ASP C 20 -48.05 -12.13 -3.64
C ASP C 20 -47.00 -11.29 -2.92
N ALA C 21 -45.72 -11.55 -3.17
CA ALA C 21 -44.65 -10.80 -2.51
C ALA C 21 -44.46 -9.45 -3.16
N LYS C 22 -45.42 -8.55 -2.92
CA LYS C 22 -45.37 -7.21 -3.48
C LYS C 22 -45.16 -6.17 -2.40
N VAL C 23 -44.70 -5.00 -2.81
CA VAL C 23 -44.44 -3.91 -1.88
C VAL C 23 -44.90 -2.62 -2.55
N HIS C 24 -45.24 -1.60 -1.77
CA HIS C 24 -45.72 -0.37 -2.38
C HIS C 24 -44.69 0.34 -3.23
N VAL C 25 -45.16 1.00 -4.28
CA VAL C 25 -44.31 1.71 -5.22
C VAL C 25 -43.66 2.96 -4.61
N MET C 26 -44.09 3.34 -3.41
CA MET C 26 -43.53 4.50 -2.73
C MET C 26 -42.56 4.05 -1.64
N SER C 27 -42.06 2.82 -1.77
CA SER C 27 -41.12 2.29 -0.81
C SER C 27 -39.82 3.05 -0.97
N HIS C 28 -39.27 3.49 0.15
CA HIS C 28 -38.03 4.25 0.20
C HIS C 28 -36.93 3.73 -0.71
N ALA C 29 -36.67 2.42 -0.64
CA ALA C 29 -35.61 1.79 -1.43
C ALA C 29 -35.73 1.96 -2.94
N LEU C 30 -36.97 2.09 -3.44
CA LEU C 30 -37.21 2.27 -4.86
C LEU C 30 -36.74 3.64 -5.37
N HIS C 31 -36.81 4.64 -4.50
CA HIS C 31 -36.44 5.99 -4.85
C HIS C 31 -35.04 6.40 -4.43
N TYR C 32 -34.54 5.81 -3.35
CA TYR C 32 -33.23 6.22 -2.84
C TYR C 32 -32.13 5.17 -2.71
N GLY C 33 -32.35 3.99 -3.27
CA GLY C 33 -31.34 2.95 -3.21
C GLY C 33 -31.00 2.45 -1.83
N THR C 34 -31.88 2.73 -0.88
CA THR C 34 -31.71 2.35 0.51
C THR C 34 -32.04 0.88 0.83
N SER C 35 -31.16 0.00 0.40
CA SER C 35 -31.32 -1.43 0.65
C SER C 35 -29.95 -2.07 0.73
N VAL C 36 -29.89 -3.23 1.38
CA VAL C 36 -28.66 -3.99 1.54
C VAL C 36 -29.03 -5.43 1.17
N PHE C 37 -28.14 -6.13 0.48
CA PHE C 37 -28.44 -7.50 0.07
C PHE C 37 -27.23 -8.42 0.10
N GLU C 38 -27.49 -9.71 -0.10
CA GLU C 38 -26.45 -10.73 -0.14
C GLU C 38 -26.69 -11.66 -1.31
N GLY C 39 -25.64 -12.39 -1.65
CA GLY C 39 -25.73 -13.38 -2.71
C GLY C 39 -25.18 -14.63 -2.05
N ILE C 40 -26.02 -15.64 -1.89
CA ILE C 40 -25.59 -16.89 -1.26
C ILE C 40 -25.92 -18.04 -2.19
N ARG C 41 -25.14 -19.11 -2.11
CA ARG C 41 -25.41 -20.28 -2.92
C ARG C 41 -25.56 -21.56 -2.14
N CYS C 42 -26.52 -22.36 -2.58
CA CYS C 42 -26.80 -23.66 -1.98
C CYS C 42 -26.36 -24.67 -3.04
N TYR C 43 -25.48 -25.58 -2.64
CA TYR C 43 -24.95 -26.60 -3.54
C TYR C 43 -25.42 -27.99 -3.15
N ASP C 44 -25.65 -28.83 -4.15
CA ASP C 44 -26.03 -30.21 -3.92
C ASP C 44 -24.67 -30.86 -3.71
N SER C 45 -24.46 -31.51 -2.58
CA SER C 45 -23.18 -32.13 -2.30
C SER C 45 -23.28 -33.58 -1.83
N HIS C 46 -22.15 -34.12 -1.39
CA HIS C 46 -22.06 -35.48 -0.87
C HIS C 46 -22.80 -35.62 0.45
N LYS C 47 -23.09 -34.48 1.08
CA LYS C 47 -23.83 -34.43 2.35
C LYS C 47 -25.23 -33.89 2.09
N GLY C 48 -25.61 -33.80 0.81
CA GLY C 48 -26.90 -33.27 0.45
C GLY C 48 -26.83 -31.77 0.28
N PRO C 49 -27.97 -31.07 0.12
CA PRO C 49 -27.98 -29.62 -0.04
C PRO C 49 -27.24 -28.92 1.09
N VAL C 50 -26.33 -28.02 0.72
CA VAL C 50 -25.51 -27.30 1.68
C VAL C 50 -25.35 -25.83 1.27
N VAL C 51 -25.49 -24.93 2.24
CA VAL C 51 -25.32 -23.50 1.98
C VAL C 51 -23.85 -23.13 2.23
N PHE C 52 -23.19 -22.63 1.21
CA PHE C 52 -21.78 -22.25 1.29
C PHE C 52 -21.54 -20.95 2.09
N ARG C 53 -20.75 -21.07 3.16
CA ARG C 53 -20.41 -19.96 4.05
C ARG C 53 -21.64 -19.13 4.43
N HIS C 54 -22.66 -19.84 4.91
CA HIS C 54 -23.92 -19.24 5.30
C HIS C 54 -23.81 -18.14 6.36
N ARG C 55 -23.22 -18.46 7.50
CA ARG C 55 -23.08 -17.50 8.58
C ARG C 55 -22.34 -16.24 8.16
N GLU C 56 -21.25 -16.42 7.42
CA GLU C 56 -20.42 -15.29 6.94
C GLU C 56 -21.23 -14.30 6.11
N HIS C 57 -22.14 -14.81 5.28
CA HIS C 57 -22.98 -13.97 4.43
C HIS C 57 -24.00 -13.20 5.26
N MET C 58 -24.62 -13.88 6.21
CA MET C 58 -25.63 -13.25 7.06
C MET C 58 -24.96 -12.24 7.99
N GLN C 59 -23.71 -12.52 8.34
CA GLN C 59 -22.93 -11.62 9.20
C GLN C 59 -22.63 -10.34 8.43
N ARG C 60 -22.36 -10.48 7.13
CA ARG C 60 -22.07 -9.33 6.29
C ARG C 60 -23.33 -8.53 6.02
N LEU C 61 -24.48 -9.19 6.02
CA LEU C 61 -25.76 -8.53 5.80
C LEU C 61 -25.96 -7.54 6.96
N HIS C 62 -25.70 -8.03 8.17
CA HIS C 62 -25.82 -7.22 9.38
C HIS C 62 -24.79 -6.09 9.36
N ASP C 63 -23.59 -6.38 8.86
CA ASP C 63 -22.52 -5.38 8.80
C ASP C 63 -22.85 -4.24 7.84
N SER C 64 -23.41 -4.58 6.68
CA SER C 64 -23.78 -3.58 5.68
C SER C 64 -24.88 -2.67 6.22
N ALA C 65 -25.86 -3.26 6.89
CA ALA C 65 -26.96 -2.50 7.46
C ALA C 65 -26.47 -1.62 8.62
N LYS C 66 -25.48 -2.12 9.35
CA LYS C 66 -24.92 -1.40 10.50
C LYS C 66 -24.22 -0.11 10.05
N ILE C 67 -23.56 -0.17 8.90
CA ILE C 67 -22.85 0.98 8.37
C ILE C 67 -23.82 2.10 8.02
N TYR C 68 -24.97 1.73 7.46
CA TYR C 68 -26.00 2.68 7.09
C TYR C 68 -26.98 2.95 8.21
N ARG C 69 -26.83 2.22 9.31
CA ARG C 69 -27.68 2.36 10.48
C ARG C 69 -29.13 1.94 10.28
N PHE C 70 -29.34 0.95 9.42
CA PHE C 70 -30.68 0.41 9.17
C PHE C 70 -30.96 -0.56 10.30
N PRO C 71 -32.09 -0.40 10.98
CA PRO C 71 -32.42 -1.31 12.09
C PRO C 71 -32.86 -2.68 11.57
N VAL C 72 -32.27 -3.74 12.13
CA VAL C 72 -32.58 -5.11 11.75
C VAL C 72 -33.18 -5.83 12.97
N SER C 73 -34.41 -6.31 12.81
CA SER C 73 -35.13 -7.02 13.88
C SER C 73 -34.62 -8.43 14.10
N GLN C 74 -34.31 -9.13 13.00
CA GLN C 74 -33.85 -10.51 13.06
C GLN C 74 -32.37 -10.69 13.34
N SER C 75 -32.05 -11.71 14.14
CA SER C 75 -30.68 -12.04 14.49
C SER C 75 -30.11 -12.91 13.38
N ILE C 76 -28.80 -13.08 13.40
CA ILE C 76 -28.13 -13.89 12.39
C ILE C 76 -28.66 -15.32 12.36
N ASP C 77 -28.98 -15.86 13.52
CA ASP C 77 -29.51 -17.21 13.61
C ASP C 77 -30.90 -17.33 13.00
N GLU C 78 -31.75 -16.35 13.27
CA GLU C 78 -33.10 -16.35 12.73
C GLU C 78 -33.06 -16.26 11.20
N LEU C 79 -32.17 -15.43 10.67
CA LEU C 79 -32.03 -15.29 9.22
C LEU C 79 -31.51 -16.57 8.59
N MET C 80 -30.62 -17.29 9.28
CA MET C 80 -30.08 -18.54 8.76
C MET C 80 -31.17 -19.62 8.74
N GLU C 81 -31.97 -19.65 9.80
CA GLU C 81 -33.06 -20.61 9.93
C GLU C 81 -34.11 -20.34 8.85
N ALA C 82 -34.35 -19.06 8.59
CA ALA C 82 -35.32 -18.63 7.57
C ALA C 82 -34.84 -19.02 6.18
N CYS C 83 -33.53 -18.90 5.97
CA CYS C 83 -32.93 -19.25 4.70
C CYS C 83 -33.10 -20.74 4.41
N ARG C 84 -32.80 -21.58 5.39
CA ARG C 84 -32.94 -23.02 5.22
C ARG C 84 -34.40 -23.38 4.95
N ASP C 85 -35.32 -22.71 5.66
CA ASP C 85 -36.75 -22.93 5.50
C ASP C 85 -37.17 -22.69 4.06
N VAL C 86 -36.74 -21.59 3.46
CA VAL C 86 -37.12 -21.28 2.08
C VAL C 86 -36.65 -22.31 1.09
N ILE C 87 -35.45 -22.85 1.32
CA ILE C 87 -34.90 -23.85 0.43
C ILE C 87 -35.72 -25.14 0.53
N ARG C 88 -36.05 -25.56 1.75
CA ARG C 88 -36.85 -26.77 1.97
C ARG C 88 -38.24 -26.59 1.37
N LYS C 89 -38.90 -25.51 1.77
CA LYS C 89 -40.25 -25.18 1.32
C LYS C 89 -40.40 -25.16 -0.19
N ASN C 90 -39.34 -24.78 -0.90
CA ASN C 90 -39.38 -24.72 -2.35
C ASN C 90 -38.81 -25.97 -3.02
N ASN C 91 -38.42 -26.94 -2.21
CA ASN C 91 -37.87 -28.21 -2.69
C ASN C 91 -36.67 -28.04 -3.60
N LEU C 92 -35.76 -27.20 -3.16
CA LEU C 92 -34.55 -26.91 -3.90
C LEU C 92 -33.39 -27.69 -3.31
N THR C 93 -32.56 -28.24 -4.18
CA THR C 93 -31.38 -28.98 -3.76
C THR C 93 -30.15 -28.12 -4.04
N SER C 94 -30.28 -27.24 -5.03
CA SER C 94 -29.22 -26.30 -5.38
C SER C 94 -29.96 -25.03 -5.81
N ALA C 95 -29.45 -23.88 -5.39
CA ALA C 95 -30.10 -22.63 -5.71
C ALA C 95 -29.26 -21.42 -5.36
N TYR C 96 -29.75 -20.25 -5.74
CA TYR C 96 -29.10 -18.99 -5.44
C TYR C 96 -30.09 -18.32 -4.48
N ILE C 97 -29.60 -17.95 -3.30
CA ILE C 97 -30.45 -17.30 -2.31
C ILE C 97 -30.14 -15.81 -2.31
N ARG C 98 -31.19 -15.01 -2.13
CA ARG C 98 -31.06 -13.56 -2.14
C ARG C 98 -31.75 -12.85 -0.97
N PRO C 99 -31.01 -12.61 0.13
CA PRO C 99 -31.56 -11.91 1.30
C PRO C 99 -31.52 -10.42 0.95
N LEU C 100 -32.57 -9.70 1.28
CA LEU C 100 -32.64 -8.28 0.98
C LEU C 100 -33.36 -7.55 2.10
N ILE C 101 -32.64 -6.60 2.69
CA ILE C 101 -33.16 -5.75 3.76
C ILE C 101 -33.32 -4.38 3.12
N PHE C 102 -34.52 -3.82 3.19
CA PHE C 102 -34.76 -2.52 2.59
C PHE C 102 -35.70 -1.61 3.37
N VAL C 103 -35.56 -0.31 3.17
CA VAL C 103 -36.41 0.66 3.83
C VAL C 103 -37.70 0.71 3.01
N GLY C 104 -38.80 0.31 3.63
CA GLY C 104 -40.07 0.27 2.94
C GLY C 104 -40.90 1.54 2.86
N ASP C 105 -42.22 1.36 2.89
CA ASP C 105 -43.18 2.44 2.81
C ASP C 105 -43.16 3.34 4.04
N VAL C 106 -42.18 4.23 4.08
CA VAL C 106 -42.02 5.17 5.18
C VAL C 106 -42.15 6.54 4.49
N GLY C 107 -41.83 7.65 5.13
CA GLY C 107 -41.98 8.92 4.41
C GLY C 107 -41.18 9.08 3.12
N MET C 108 -41.23 10.26 2.50
CA MET C 108 -40.46 10.52 1.28
C MET C 108 -39.18 11.32 1.56
N GLY C 109 -38.95 11.64 2.84
CA GLY C 109 -37.75 12.37 3.21
C GLY C 109 -36.59 11.40 3.09
N VAL C 110 -35.41 11.89 2.73
CA VAL C 110 -34.25 11.03 2.57
C VAL C 110 -33.95 10.24 3.85
N ASN C 111 -34.02 10.92 4.98
CA ASN C 111 -33.77 10.28 6.27
C ASN C 111 -35.07 9.76 6.83
N PRO C 112 -35.19 8.43 6.98
CA PRO C 112 -36.41 7.85 7.52
C PRO C 112 -36.65 8.33 8.96
N PRO C 113 -37.93 8.49 9.34
CA PRO C 113 -38.30 8.94 10.69
C PRO C 113 -37.86 7.97 11.76
N ALA C 114 -37.46 8.50 12.91
CA ALA C 114 -37.01 7.68 14.02
C ALA C 114 -38.05 6.66 14.41
N GLY C 115 -37.59 5.48 14.83
CA GLY C 115 -38.48 4.41 15.23
C GLY C 115 -39.01 3.56 14.10
N TYR C 116 -38.53 3.80 12.88
CA TYR C 116 -38.99 3.00 11.74
C TYR C 116 -38.27 1.65 11.77
N SER C 117 -38.76 0.72 10.95
CA SER C 117 -38.15 -0.61 10.88
C SER C 117 -38.02 -0.99 9.42
N THR C 118 -37.10 -1.91 9.12
CA THR C 118 -36.90 -2.35 7.75
C THR C 118 -37.70 -3.60 7.42
N ASP C 119 -37.87 -3.84 6.12
CA ASP C 119 -38.55 -5.01 5.62
C ASP C 119 -37.46 -5.98 5.17
N VAL C 120 -37.63 -7.26 5.48
CA VAL C 120 -36.65 -8.28 5.12
C VAL C 120 -37.28 -9.29 4.16
N ILE C 121 -36.50 -9.73 3.19
CA ILE C 121 -36.95 -10.66 2.17
C ILE C 121 -35.87 -11.69 1.87
N ILE C 122 -36.26 -12.96 1.74
CA ILE C 122 -35.30 -14.01 1.39
C ILE C 122 -35.94 -14.86 0.30
N ALA C 123 -35.39 -14.76 -0.91
CA ALA C 123 -35.88 -15.51 -2.04
C ALA C 123 -34.82 -16.47 -2.55
N ALA C 124 -35.23 -17.69 -2.89
CA ALA C 124 -34.32 -18.70 -3.41
C ALA C 124 -34.84 -19.21 -4.74
N PHE C 125 -33.92 -19.52 -5.65
CA PHE C 125 -34.30 -19.99 -6.97
C PHE C 125 -33.08 -20.53 -7.72
N PRO C 126 -33.29 -21.40 -8.72
CA PRO C 126 -32.15 -21.96 -9.48
C PRO C 126 -31.50 -20.86 -10.32
N TRP C 127 -30.17 -20.86 -10.38
CA TRP C 127 -29.46 -19.86 -11.17
C TRP C 127 -28.12 -20.42 -11.64
N GLY C 128 -27.94 -20.44 -12.96
CA GLY C 128 -26.72 -20.96 -13.54
C GLY C 128 -25.50 -20.07 -13.37
N ALA C 129 -24.49 -20.32 -14.20
CA ALA C 129 -23.25 -19.56 -14.16
C ALA C 129 -23.51 -18.13 -14.61
N TYR C 130 -23.09 -17.17 -13.79
CA TYR C 130 -23.29 -15.75 -14.07
C TYR C 130 -22.74 -15.28 -15.42
N LEU C 131 -21.47 -15.64 -15.68
CA LEU C 131 -20.84 -15.21 -16.92
C LEU C 131 -21.00 -16.17 -18.11
N GLY C 132 -21.78 -17.22 -17.92
CA GLY C 132 -22.02 -18.17 -19.00
C GLY C 132 -21.75 -19.63 -18.66
N ALA C 133 -22.45 -20.51 -19.38
CA ALA C 133 -22.33 -21.96 -19.20
C ALA C 133 -20.89 -22.46 -19.33
N GLU C 134 -20.24 -22.14 -20.45
CA GLU C 134 -18.88 -22.59 -20.69
C GLU C 134 -17.80 -21.63 -20.20
N ALA C 135 -18.19 -20.61 -19.43
CA ALA C 135 -17.27 -19.62 -18.89
C ALA C 135 -16.27 -20.20 -17.87
N LEU C 136 -16.73 -21.14 -17.05
CA LEU C 136 -15.88 -21.75 -16.03
C LEU C 136 -14.77 -22.60 -16.65
N GLU C 137 -15.05 -23.18 -17.81
CA GLU C 137 -14.07 -24.02 -18.50
C GLU C 137 -13.20 -23.26 -19.49
N GLN C 138 -13.84 -22.52 -20.39
CA GLN C 138 -13.14 -21.76 -21.42
C GLN C 138 -12.57 -20.40 -21.02
N GLY C 139 -13.21 -19.73 -20.08
CA GLY C 139 -12.73 -18.41 -19.68
C GLY C 139 -13.49 -17.35 -20.45
N ILE C 140 -13.34 -16.09 -20.04
CA ILE C 140 -14.05 -15.00 -20.70
C ILE C 140 -13.11 -13.91 -21.21
N ASP C 141 -13.66 -13.02 -22.05
CA ASP C 141 -12.89 -11.90 -22.58
C ASP C 141 -13.37 -10.66 -21.84
N ALA C 142 -12.45 -10.03 -21.11
CA ALA C 142 -12.78 -8.84 -20.33
C ALA C 142 -12.23 -7.56 -20.96
N MET C 143 -12.78 -6.44 -20.53
CA MET C 143 -12.38 -5.12 -21.01
C MET C 143 -12.26 -4.16 -19.84
N VAL C 144 -11.21 -3.33 -19.84
CA VAL C 144 -11.05 -2.33 -18.78
C VAL C 144 -12.00 -1.20 -19.12
N SER C 145 -12.92 -0.91 -18.20
CA SER C 145 -13.93 0.12 -18.37
C SER C 145 -13.42 1.54 -18.28
N SER C 146 -14.14 2.45 -18.92
CA SER C 146 -13.80 3.86 -18.88
C SER C 146 -14.43 4.53 -17.65
N TRP C 147 -15.22 3.78 -16.90
CA TRP C 147 -15.87 4.26 -15.67
C TRP C 147 -15.11 3.73 -14.46
N ASN C 148 -14.86 4.59 -13.48
CA ASN C 148 -14.14 4.18 -12.28
C ASN C 148 -15.06 3.85 -11.12
N ARG C 149 -14.56 3.04 -10.19
CA ARG C 149 -15.34 2.69 -9.01
C ARG C 149 -15.25 3.77 -7.94
N ALA C 150 -16.28 3.82 -7.10
CA ALA C 150 -16.41 4.78 -6.01
C ALA C 150 -15.16 5.12 -5.22
N ALA C 151 -14.93 6.42 -4.98
CA ALA C 151 -13.79 6.88 -4.22
C ALA C 151 -13.96 6.47 -2.76
N PRO C 152 -12.84 6.25 -2.03
CA PRO C 152 -12.80 5.84 -0.63
C PRO C 152 -13.79 6.36 0.40
N ASN C 153 -13.92 7.67 0.57
CA ASN C 153 -14.82 8.16 1.62
C ASN C 153 -16.08 8.83 1.07
N THR C 154 -16.73 8.17 0.13
CA THR C 154 -17.93 8.70 -0.48
C THR C 154 -19.11 7.76 -0.17
N ILE C 155 -19.15 6.64 -0.86
CA ILE C 155 -20.19 5.64 -0.65
C ILE C 155 -19.37 4.39 -0.32
N PRO C 156 -19.36 3.98 0.97
CA PRO C 156 -18.61 2.82 1.47
C PRO C 156 -18.70 1.57 0.60
N THR C 157 -17.57 1.19 0.01
CA THR C 157 -17.53 0.02 -0.85
C THR C 157 -17.51 -1.30 -0.11
N ALA C 158 -17.32 -1.25 1.21
CA ALA C 158 -17.29 -2.47 2.01
C ALA C 158 -18.70 -2.98 2.29
N ALA C 159 -19.69 -2.12 2.09
CA ALA C 159 -21.09 -2.47 2.31
C ALA C 159 -21.69 -2.90 0.98
N LYS C 160 -22.43 -4.00 1.00
CA LYS C 160 -23.05 -4.52 -0.21
C LYS C 160 -24.48 -3.96 -0.26
N ALA C 161 -24.58 -2.69 -0.65
CA ALA C 161 -25.85 -1.99 -0.74
C ALA C 161 -26.38 -1.81 -2.16
N GLY C 162 -27.69 -1.69 -2.28
CA GLY C 162 -28.34 -1.53 -3.57
C GLY C 162 -27.85 -0.38 -4.43
N GLY C 163 -27.77 0.81 -3.86
CA GLY C 163 -27.34 1.98 -4.60
C GLY C 163 -25.97 1.87 -5.27
N ASN C 164 -25.09 1.04 -4.71
CA ASN C 164 -23.74 0.84 -5.26
C ASN C 164 -23.78 0.38 -6.72
N TYR C 165 -24.77 -0.46 -7.02
CA TYR C 165 -24.88 -1.05 -8.33
C TYR C 165 -25.12 -0.23 -9.57
N LEU C 166 -25.24 1.09 -9.43
CA LEU C 166 -25.39 1.94 -10.59
C LEU C 166 -24.04 1.91 -11.26
N SER C 167 -23.00 1.81 -10.44
CA SER C 167 -21.62 1.74 -10.90
C SER C 167 -21.36 0.44 -11.65
N SER C 168 -21.79 -0.67 -11.07
CA SER C 168 -21.61 -1.98 -11.70
C SER C 168 -22.38 -2.08 -13.00
N LEU C 169 -23.51 -1.39 -13.08
CA LEU C 169 -24.34 -1.39 -14.27
C LEU C 169 -23.54 -0.72 -15.40
N LEU C 170 -22.99 0.45 -15.10
CA LEU C 170 -22.20 1.20 -16.08
C LEU C 170 -20.98 0.45 -16.57
N VAL C 171 -20.21 -0.11 -15.63
CA VAL C 171 -19.00 -0.85 -15.97
C VAL C 171 -19.30 -2.09 -16.79
N GLY C 172 -20.27 -2.88 -16.35
CA GLY C 172 -20.63 -4.11 -17.04
C GLY C 172 -21.31 -3.94 -18.39
N SER C 173 -22.21 -2.98 -18.49
CA SER C 173 -22.92 -2.76 -19.74
C SER C 173 -21.99 -2.27 -20.83
N GLU C 174 -20.99 -1.47 -20.44
CA GLU C 174 -20.04 -0.96 -21.41
C GLU C 174 -19.26 -2.10 -22.08
N ALA C 175 -18.85 -3.08 -21.27
CA ALA C 175 -18.10 -4.23 -21.77
C ALA C 175 -18.94 -5.06 -22.71
N ARG C 176 -20.15 -5.39 -22.27
CA ARG C 176 -21.08 -6.18 -23.06
C ARG C 176 -21.48 -5.51 -24.37
N ARG C 177 -21.52 -4.18 -24.36
CA ARG C 177 -21.89 -3.39 -25.53
C ARG C 177 -20.79 -3.48 -26.60
N HIS C 178 -19.57 -3.78 -26.18
CA HIS C 178 -18.45 -3.90 -27.11
C HIS C 178 -18.05 -5.34 -27.42
N GLY C 179 -18.88 -6.31 -27.04
CA GLY C 179 -18.57 -7.70 -27.33
C GLY C 179 -17.85 -8.49 -26.25
N TYR C 180 -17.56 -7.87 -25.12
CA TYR C 180 -16.88 -8.56 -24.04
C TYR C 180 -17.89 -9.17 -23.07
N GLN C 181 -17.45 -10.11 -22.24
CA GLN C 181 -18.34 -10.75 -21.29
C GLN C 181 -18.43 -10.03 -19.94
N GLU C 182 -17.37 -9.30 -19.58
CA GLU C 182 -17.36 -8.57 -18.33
C GLU C 182 -16.37 -7.40 -18.37
N GLY C 183 -16.65 -6.39 -17.55
CA GLY C 183 -15.78 -5.23 -17.49
C GLY C 183 -15.00 -5.17 -16.20
N ILE C 184 -13.77 -4.69 -16.28
CA ILE C 184 -12.90 -4.56 -15.12
C ILE C 184 -12.76 -3.07 -14.83
N ALA C 185 -13.08 -2.66 -13.62
CA ALA C 185 -12.98 -1.26 -13.25
C ALA C 185 -11.70 -0.90 -12.49
N LEU C 186 -11.23 0.31 -12.72
CA LEU C 186 -10.06 0.84 -12.02
C LEU C 186 -10.63 1.78 -10.97
N ASP C 187 -9.88 2.06 -9.92
CA ASP C 187 -10.36 2.99 -8.90
C ASP C 187 -10.00 4.40 -9.37
N VAL C 188 -10.31 5.42 -8.56
CA VAL C 188 -10.03 6.81 -8.94
C VAL C 188 -8.56 7.17 -9.10
N ASN C 189 -7.68 6.33 -8.56
CA ASN C 189 -6.25 6.54 -8.64
C ASN C 189 -5.64 5.92 -9.88
N GLY C 190 -6.41 5.08 -10.57
CA GLY C 190 -5.91 4.43 -11.76
C GLY C 190 -5.38 3.03 -11.55
N TYR C 191 -5.68 2.45 -10.40
CA TYR C 191 -5.24 1.08 -10.07
C TYR C 191 -6.43 0.13 -10.24
N ILE C 192 -6.14 -1.16 -10.39
CA ILE C 192 -7.18 -2.16 -10.56
C ILE C 192 -8.02 -2.29 -9.29
N SER C 193 -9.33 -2.25 -9.46
CA SER C 193 -10.23 -2.39 -8.33
C SER C 193 -10.80 -3.80 -8.36
N GLU C 194 -11.63 -4.09 -9.36
CA GLU C 194 -12.24 -5.40 -9.53
C GLU C 194 -13.21 -5.38 -10.71
N GLY C 195 -13.83 -6.52 -11.00
CA GLY C 195 -14.80 -6.59 -12.08
C GLY C 195 -16.07 -5.88 -11.63
N ALA C 196 -17.04 -5.75 -12.53
CA ALA C 196 -18.29 -5.08 -12.22
C ALA C 196 -19.01 -5.68 -11.01
N GLY C 197 -18.92 -7.00 -10.85
CA GLY C 197 -19.57 -7.66 -9.73
C GLY C 197 -18.81 -8.86 -9.22
N GLU C 198 -17.50 -8.87 -9.42
CA GLU C 198 -16.65 -9.97 -8.96
C GLU C 198 -15.22 -9.53 -8.67
N ASN C 199 -14.59 -10.13 -7.66
CA ASN C 199 -13.20 -9.77 -7.34
C ASN C 199 -12.24 -10.24 -8.42
N LEU C 200 -11.07 -9.62 -8.46
CA LEU C 200 -10.06 -9.90 -9.47
C LEU C 200 -8.76 -10.47 -8.89
N PHE C 201 -8.26 -11.53 -9.51
CA PHE C 201 -7.02 -12.19 -9.09
C PHE C 201 -6.08 -12.29 -10.28
N GLU C 202 -4.78 -12.26 -9.99
CA GLU C 202 -3.73 -12.36 -11.00
C GLU C 202 -2.72 -13.38 -10.53
N VAL C 203 -2.16 -14.13 -11.47
CA VAL C 203 -1.14 -15.12 -11.15
C VAL C 203 0.10 -14.73 -11.95
N LYS C 204 1.23 -14.60 -11.25
CA LYS C 204 2.47 -14.23 -11.90
C LYS C 204 3.61 -14.96 -11.20
N ASP C 205 4.31 -15.80 -11.97
CA ASP C 205 5.42 -16.60 -11.46
C ASP C 205 5.00 -17.49 -10.31
N GLY C 206 3.80 -18.07 -10.42
CA GLY C 206 3.29 -18.95 -9.39
C GLY C 206 2.78 -18.27 -8.13
N VAL C 207 2.70 -16.95 -8.14
CA VAL C 207 2.21 -16.19 -6.98
C VAL C 207 0.85 -15.57 -7.27
N LEU C 208 -0.03 -15.60 -6.27
CA LEU C 208 -1.37 -15.05 -6.38
C LEU C 208 -1.40 -13.58 -5.93
N PHE C 209 -2.06 -12.72 -6.71
CA PHE C 209 -2.18 -11.30 -6.36
C PHE C 209 -3.63 -10.84 -6.41
N THR C 210 -4.01 -9.99 -5.46
CA THR C 210 -5.36 -9.41 -5.40
C THR C 210 -5.29 -8.03 -4.80
N PRO C 211 -6.10 -7.11 -5.29
CA PRO C 211 -6.11 -5.74 -4.76
C PRO C 211 -6.71 -5.76 -3.35
N PRO C 212 -6.23 -4.87 -2.46
CA PRO C 212 -6.76 -4.81 -1.09
C PRO C 212 -8.13 -4.12 -1.12
N PHE C 213 -8.84 -4.11 0.02
CA PHE C 213 -10.16 -3.47 0.06
C PHE C 213 -10.08 -1.97 -0.20
N THR C 214 -8.92 -1.39 0.09
CA THR C 214 -8.71 0.04 -0.10
C THR C 214 -8.63 0.45 -1.57
N SER C 215 -8.70 -0.54 -2.46
CA SER C 215 -8.71 -0.28 -3.90
C SER C 215 -10.16 -0.24 -4.35
N SER C 216 -11.06 0.07 -3.40
CA SER C 216 -12.49 0.15 -3.65
C SER C 216 -13.09 -1.20 -4.05
N ALA C 217 -12.48 -2.27 -3.55
CA ALA C 217 -12.94 -3.63 -3.83
C ALA C 217 -13.70 -4.17 -2.61
N LEU C 218 -14.88 -4.73 -2.85
CA LEU C 218 -15.69 -5.30 -1.77
C LEU C 218 -14.99 -6.54 -1.21
N PRO C 219 -15.06 -6.73 0.11
CA PRO C 219 -14.43 -7.87 0.80
C PRO C 219 -15.17 -9.17 0.46
N GLY C 220 -14.87 -9.72 -0.72
CA GLY C 220 -15.53 -10.93 -1.17
C GLY C 220 -15.35 -12.13 -0.27
N ILE C 221 -16.43 -12.88 -0.10
CA ILE C 221 -16.41 -14.09 0.73
C ILE C 221 -15.79 -15.22 -0.08
N THR C 222 -15.97 -15.17 -1.40
CA THR C 222 -15.40 -16.17 -2.30
C THR C 222 -13.91 -15.84 -2.36
N ARG C 223 -13.61 -14.56 -2.41
CA ARG C 223 -12.24 -14.04 -2.44
C ARG C 223 -11.50 -14.54 -1.20
N ASP C 224 -12.14 -14.45 -0.05
CA ASP C 224 -11.57 -14.88 1.21
C ASP C 224 -11.34 -16.39 1.24
N ALA C 225 -12.27 -17.14 0.64
CA ALA C 225 -12.18 -18.59 0.59
C ALA C 225 -11.00 -19.03 -0.28
N ILE C 226 -10.83 -18.35 -1.42
CA ILE C 226 -9.76 -18.64 -2.37
C ILE C 226 -8.39 -18.39 -1.73
N ILE C 227 -8.27 -17.30 -0.97
CA ILE C 227 -7.03 -16.98 -0.31
C ILE C 227 -6.67 -18.07 0.69
N LYS C 228 -7.67 -18.57 1.42
CA LYS C 228 -7.44 -19.61 2.41
C LYS C 228 -7.15 -20.97 1.78
N LEU C 229 -7.82 -21.24 0.66
CA LEU C 229 -7.61 -22.49 -0.06
C LEU C 229 -6.20 -22.49 -0.63
N ALA C 230 -5.81 -21.37 -1.24
CA ALA C 230 -4.49 -21.25 -1.84
C ALA C 230 -3.38 -21.47 -0.82
N LYS C 231 -3.56 -20.97 0.41
CA LYS C 231 -2.56 -21.16 1.45
C LYS C 231 -2.45 -22.64 1.82
N GLU C 232 -3.55 -23.37 1.70
CA GLU C 232 -3.57 -24.80 1.99
C GLU C 232 -2.79 -25.57 0.94
N LEU C 233 -2.86 -25.10 -0.30
CA LEU C 233 -2.16 -25.71 -1.42
C LEU C 233 -0.70 -25.28 -1.51
N GLY C 234 -0.28 -24.41 -0.60
CA GLY C 234 1.10 -23.95 -0.60
C GLY C 234 1.40 -22.91 -1.68
N ILE C 235 0.39 -22.10 -2.00
CA ILE C 235 0.54 -21.07 -3.02
C ILE C 235 0.66 -19.72 -2.29
N GLU C 236 1.68 -18.95 -2.64
CA GLU C 236 1.88 -17.66 -2.00
C GLU C 236 0.84 -16.66 -2.45
N VAL C 237 0.27 -15.94 -1.49
CA VAL C 237 -0.73 -14.94 -1.79
C VAL C 237 -0.24 -13.57 -1.37
N ARG C 238 -0.40 -12.60 -2.25
CA ARG C 238 0.01 -11.23 -1.97
C ARG C 238 -1.15 -10.30 -2.25
N GLU C 239 -1.55 -9.60 -1.22
CA GLU C 239 -2.64 -8.65 -1.29
C GLU C 239 -1.99 -7.29 -1.43
N GLN C 240 -1.97 -6.76 -2.65
CA GLN C 240 -1.35 -5.47 -2.91
C GLN C 240 -2.01 -4.71 -4.05
N VAL C 241 -1.72 -3.42 -4.14
CA VAL C 241 -2.24 -2.57 -5.19
C VAL C 241 -1.64 -3.03 -6.52
N LEU C 242 -2.46 -3.10 -7.57
CA LEU C 242 -2.01 -3.53 -8.88
C LEU C 242 -2.26 -2.49 -9.96
N SER C 243 -1.28 -2.32 -10.85
CA SER C 243 -1.36 -1.36 -11.94
C SER C 243 -2.18 -1.94 -13.09
N ARG C 244 -2.65 -1.07 -13.98
CA ARG C 244 -3.45 -1.54 -15.10
C ARG C 244 -2.69 -2.49 -16.01
N GLU C 245 -1.43 -2.16 -16.30
CA GLU C 245 -0.57 -2.96 -17.18
C GLU C 245 -0.34 -4.37 -16.68
N SER C 246 -0.46 -4.59 -15.38
CA SER C 246 -0.25 -5.90 -14.80
C SER C 246 -1.16 -6.96 -15.41
N LEU C 247 -2.32 -6.52 -15.92
CA LEU C 247 -3.29 -7.43 -16.55
C LEU C 247 -2.73 -8.01 -17.84
N TYR C 248 -1.84 -7.26 -18.48
CA TYR C 248 -1.24 -7.69 -19.73
C TYR C 248 0.02 -8.55 -19.52
N LEU C 249 0.63 -8.42 -18.34
CA LEU C 249 1.85 -9.14 -18.00
C LEU C 249 1.64 -10.38 -17.15
N ALA C 250 0.42 -10.57 -16.66
CA ALA C 250 0.10 -11.70 -15.81
C ALA C 250 0.04 -13.02 -16.55
N ASP C 251 0.48 -14.09 -15.90
CA ASP C 251 0.45 -15.43 -16.48
C ASP C 251 -0.99 -15.88 -16.56
N GLU C 252 -1.76 -15.56 -15.53
CA GLU C 252 -3.17 -15.93 -15.45
C GLU C 252 -3.95 -14.83 -14.74
N VAL C 253 -5.26 -14.80 -14.98
CA VAL C 253 -6.15 -13.84 -14.32
C VAL C 253 -7.53 -14.46 -14.26
N PHE C 254 -8.18 -14.33 -13.11
CA PHE C 254 -9.53 -14.87 -12.94
C PHE C 254 -10.37 -14.02 -11.99
N MET C 255 -11.69 -14.19 -12.07
CA MET C 255 -12.63 -13.46 -11.24
C MET C 255 -13.34 -14.39 -10.27
N SER C 256 -13.75 -13.85 -9.13
CA SER C 256 -14.44 -14.62 -8.11
C SER C 256 -15.68 -13.91 -7.57
N GLY C 257 -16.66 -14.68 -7.17
CA GLY C 257 -17.90 -14.12 -6.63
C GLY C 257 -18.86 -15.27 -6.36
N THR C 258 -19.92 -15.02 -5.60
CA THR C 258 -20.88 -16.07 -5.31
C THR C 258 -21.55 -16.54 -6.59
N ALA C 259 -22.09 -15.60 -7.36
CA ALA C 259 -22.77 -15.93 -8.61
C ALA C 259 -21.80 -16.34 -9.71
N ALA C 260 -20.63 -15.69 -9.76
CA ALA C 260 -19.62 -15.97 -10.78
C ALA C 260 -18.70 -17.14 -10.42
N GLU C 261 -18.73 -17.56 -9.16
CA GLU C 261 -17.86 -18.63 -8.68
C GLU C 261 -16.43 -18.27 -9.06
N ILE C 262 -15.73 -19.14 -9.79
CA ILE C 262 -14.36 -18.85 -10.18
C ILE C 262 -14.26 -18.93 -11.70
N THR C 263 -14.32 -17.77 -12.35
CA THR C 263 -14.27 -17.66 -13.80
C THR C 263 -12.93 -17.19 -14.35
N PRO C 264 -12.28 -18.01 -15.19
CA PRO C 264 -10.99 -17.62 -15.76
C PRO C 264 -11.18 -16.51 -16.79
N VAL C 265 -10.18 -15.65 -16.92
CA VAL C 265 -10.20 -14.55 -17.89
C VAL C 265 -9.11 -14.88 -18.91
N ARG C 266 -9.51 -15.22 -20.13
CA ARG C 266 -8.53 -15.57 -21.16
C ARG C 266 -7.94 -14.40 -21.92
N SER C 267 -8.57 -13.23 -21.82
CA SER C 267 -8.07 -12.04 -22.49
C SER C 267 -8.58 -10.75 -21.87
N VAL C 268 -7.77 -9.70 -21.93
CA VAL C 268 -8.13 -8.39 -21.38
C VAL C 268 -7.82 -7.36 -22.46
N ASP C 269 -8.85 -6.63 -22.89
CA ASP C 269 -8.73 -5.61 -23.94
C ASP C 269 -8.20 -6.15 -25.26
N GLY C 270 -8.50 -7.41 -25.57
CA GLY C 270 -8.05 -8.00 -26.83
C GLY C 270 -6.65 -8.59 -26.73
N ILE C 271 -6.01 -8.42 -25.59
CA ILE C 271 -4.69 -8.96 -25.36
C ILE C 271 -4.86 -10.30 -24.64
N GLN C 272 -4.37 -11.36 -25.27
CA GLN C 272 -4.46 -12.71 -24.72
C GLN C 272 -3.66 -12.90 -23.45
N VAL C 273 -4.25 -13.56 -22.46
CA VAL C 273 -3.58 -13.83 -21.19
C VAL C 273 -2.96 -15.22 -21.24
N GLY C 274 -1.64 -15.28 -21.14
CA GLY C 274 -0.93 -16.54 -21.18
C GLY C 274 -1.22 -17.34 -22.43
N GLU C 275 -1.81 -18.52 -22.22
CA GLU C 275 -2.15 -19.46 -23.30
C GLU C 275 -3.53 -19.24 -23.91
N GLY C 276 -4.29 -18.30 -23.36
CA GLY C 276 -5.62 -18.04 -23.88
C GLY C 276 -6.66 -19.06 -23.45
N ARG C 277 -6.32 -19.86 -22.45
CA ARG C 277 -7.21 -20.88 -21.90
C ARG C 277 -7.04 -20.82 -20.39
N CYS C 278 -7.82 -21.61 -19.65
CA CYS C 278 -7.72 -21.63 -18.20
C CYS C 278 -6.30 -22.03 -17.79
N GLY C 279 -5.69 -21.24 -16.91
CA GLY C 279 -4.35 -21.52 -16.45
C GLY C 279 -4.24 -22.61 -15.41
N PRO C 280 -3.03 -23.15 -15.20
CA PRO C 280 -2.75 -24.22 -14.22
C PRO C 280 -3.09 -23.91 -12.77
N VAL C 281 -2.74 -22.71 -12.31
CA VAL C 281 -3.01 -22.33 -10.94
C VAL C 281 -4.51 -22.12 -10.72
N THR C 282 -5.16 -21.54 -11.73
CA THR C 282 -6.60 -21.29 -11.67
C THR C 282 -7.28 -22.65 -11.57
N LYS C 283 -6.82 -23.60 -12.38
CA LYS C 283 -7.36 -24.96 -12.38
C LYS C 283 -7.23 -25.62 -11.01
N ARG C 284 -6.05 -25.55 -10.40
CA ARG C 284 -5.85 -26.15 -9.09
C ARG C 284 -6.84 -25.60 -8.10
N ILE C 285 -7.02 -24.27 -8.13
CA ILE C 285 -7.95 -23.59 -7.22
C ILE C 285 -9.40 -23.99 -7.48
N GLN C 286 -9.78 -24.12 -8.74
CA GLN C 286 -11.13 -24.52 -9.10
C GLN C 286 -11.41 -25.92 -8.55
N GLN C 287 -10.49 -26.85 -8.81
CA GLN C 287 -10.64 -28.22 -8.34
C GLN C 287 -10.75 -28.30 -6.81
N ALA C 288 -9.94 -27.51 -6.12
CA ALA C 288 -9.96 -27.47 -4.66
C ALA C 288 -11.27 -26.88 -4.15
N PHE C 289 -11.78 -25.88 -4.86
CA PHE C 289 -13.03 -25.23 -4.49
C PHE C 289 -14.22 -26.16 -4.68
N PHE C 290 -14.40 -26.65 -5.90
CA PHE C 290 -15.50 -27.55 -6.19
C PHE C 290 -15.35 -28.90 -5.50
N GLY C 291 -14.14 -29.22 -5.06
CA GLY C 291 -13.90 -30.47 -4.36
C GLY C 291 -14.59 -30.52 -3.01
N LEU C 292 -14.92 -29.35 -2.47
CA LEU C 292 -15.60 -29.24 -1.18
C LEU C 292 -16.98 -29.89 -1.21
N PHE C 293 -17.61 -29.89 -2.39
CA PHE C 293 -18.94 -30.44 -2.53
C PHE C 293 -18.94 -31.90 -2.96
N THR C 294 -17.75 -32.46 -3.11
CA THR C 294 -17.60 -33.85 -3.51
C THR C 294 -16.99 -34.64 -2.36
N GLY C 295 -16.30 -33.93 -1.47
CA GLY C 295 -15.67 -34.58 -0.34
C GLY C 295 -14.16 -34.71 -0.54
N GLU C 296 -13.68 -34.43 -1.76
CA GLU C 296 -12.26 -34.52 -2.06
C GLU C 296 -11.46 -33.47 -1.28
N THR C 297 -12.08 -32.32 -1.03
CA THR C 297 -11.45 -31.24 -0.27
C THR C 297 -12.08 -31.25 1.10
N GLU C 298 -11.26 -31.43 2.13
CA GLU C 298 -11.74 -31.46 3.50
C GLU C 298 -12.22 -30.08 3.93
N ASP C 299 -13.42 -30.02 4.51
CA ASP C 299 -13.95 -28.74 4.97
C ASP C 299 -13.38 -28.47 6.37
N LYS C 300 -12.17 -27.93 6.41
CA LYS C 300 -11.50 -27.65 7.69
C LYS C 300 -12.06 -26.46 8.42
N TRP C 301 -12.72 -25.56 7.70
CA TRP C 301 -13.23 -24.33 8.29
C TRP C 301 -14.70 -24.31 8.68
N GLY C 302 -15.45 -25.33 8.30
CA GLY C 302 -16.88 -25.35 8.62
C GLY C 302 -17.64 -24.43 7.70
N TRP C 303 -17.28 -24.44 6.43
CA TRP C 303 -17.90 -23.62 5.41
C TRP C 303 -19.22 -24.20 4.87
N LEU C 304 -19.46 -25.49 5.06
CA LEU C 304 -20.68 -26.12 4.56
C LEU C 304 -21.75 -26.23 5.65
N ASP C 305 -22.85 -25.50 5.47
CA ASP C 305 -23.96 -25.50 6.41
C ASP C 305 -25.10 -26.34 5.86
N GLN C 306 -25.39 -27.45 6.53
CA GLN C 306 -26.45 -28.36 6.10
C GLN C 306 -27.84 -27.76 6.17
N VAL C 307 -28.59 -27.89 5.07
CA VAL C 307 -29.96 -27.40 5.03
C VAL C 307 -30.87 -28.40 5.76
N ASN C 308 -30.54 -29.69 5.61
CA ASN C 308 -31.29 -30.83 6.17
C ASN C 308 -32.41 -31.22 5.20
#